data_2FR4
#
_entry.id   2FR4
#
_cell.length_a   84.757
_cell.length_b   90.450
_cell.length_c   128.116
_cell.angle_alpha   90.00
_cell.angle_beta   90.00
_cell.angle_gamma   90.00
#
_symmetry.space_group_name_H-M   'P 21 21 21'
#
loop_
_entity.id
_entity.type
_entity.pdbx_description
1 polymer "5'-D(*CP*TP*GP*CP*CP*TP*TP*CP*AP*G)-3'"
2 polymer 'antibody light chain FAB'
3 polymer 'antibody heavy chain FAB'
4 non-polymer 'TETRAETHYLENE GLYCOL'
5 water water
#
loop_
_entity_poly.entity_id
_entity_poly.type
_entity_poly.pdbx_seq_one_letter_code
_entity_poly.pdbx_strand_id
1 'polydeoxyribonucleotide' (DC)(DT)(DG)(DC)(DC)(DT)(DT)(DC)(DA)(DG) M,N
2 'polypeptide(L)'
;ELQMTQSPASLSASVGETVTITCRASENIYSYLAWYQQKQGKSPQLLVYNAKTLAEGVPSRFSGSGSGTQFSLKINSLQP
EDFGSYYCQHHYGTPLTFGAGTKLELKRADAAPTVSIFPPSSEQLTSGGASVVCFLNNFYPKDINVKWKIDGSERQNGVL
NSWTDQDSKDSTYSMSSTLTLTKDEYERHNSYTCEATHKTSTSPIVKSFNRNEC
;
L,A
3 'polypeptide(L)'
;QVKLLESGPELVKPGASVKMSCKASGYTFTSYVMHWVKQKPGQGLEWIGYINPYNDGTKYNEKFKGKATLTSDKSSSTAY
MELSSLTSEDSAVYYCVRGGYRPYYAMDYWGQGTSVTVSSAKTTPPSVYPLAPGSAAQTNSMVTLGCLVKGYFPEPVTVT
WNSGSLSSGVHTFPAVLQSDLYTLSSSVTVPSSTWPSETVTCNVAHPASSTKVDKKIVPRDCTSHHHHHH
;
H,B
#
# COMPACT_ATOMS: atom_id res chain seq x y z
N LEU C 2 12.66 -20.07 18.29
CA LEU C 2 12.94 -21.08 17.22
C LEU C 2 14.21 -20.79 16.39
N GLN C 3 15.37 -21.09 16.97
CA GLN C 3 16.65 -21.05 16.26
C GLN C 3 16.89 -22.34 15.46
N MET C 4 17.46 -22.22 14.26
CA MET C 4 17.90 -23.37 13.46
C MET C 4 19.42 -23.40 13.43
N THR C 5 20.01 -24.54 13.78
CA THR C 5 21.47 -24.66 13.86
C THR C 5 21.95 -25.79 12.94
N GLN C 6 22.93 -25.51 12.07
CA GLN C 6 23.49 -26.52 11.19
C GLN C 6 24.91 -26.86 11.56
N SER C 7 25.22 -28.16 11.48
CA SER C 7 26.55 -28.70 11.71
C SER C 7 27.01 -29.58 10.52
N PRO C 8 28.28 -29.42 10.09
CA PRO C 8 29.26 -28.40 10.47
C PRO C 8 29.10 -27.17 9.58
N ALA C 9 29.65 -26.04 9.97
CA ALA C 9 29.61 -24.85 9.11
C ALA C 9 30.36 -25.14 7.80
N SER C 10 31.44 -25.90 7.90
CA SER C 10 32.24 -26.22 6.73
C SER C 10 32.55 -27.71 6.78
N LEU C 11 32.39 -28.39 5.65
CA LEU C 11 32.74 -29.82 5.53
C LEU C 11 33.62 -30.03 4.32
N SER C 12 34.76 -30.69 4.48
CA SER C 12 35.57 -31.04 3.33
C SER C 12 35.35 -32.48 2.90
N ALA C 13 35.08 -32.69 1.60
CA ALA C 13 34.82 -34.02 1.05
C ALA C 13 35.35 -34.12 -0.37
N SER C 14 35.39 -35.32 -0.95
CA SER C 14 35.87 -35.48 -2.32
C SER C 14 34.74 -35.88 -3.27
N VAL C 15 34.94 -35.60 -4.56
CA VAL C 15 34.02 -36.02 -5.62
C VAL C 15 33.96 -37.53 -5.58
N GLY C 16 32.75 -38.08 -5.65
CA GLY C 16 32.55 -39.52 -5.52
C GLY C 16 32.32 -40.02 -4.10
N GLU C 17 32.53 -39.14 -3.11
CA GLU C 17 32.31 -39.48 -1.69
C GLU C 17 30.85 -39.23 -1.32
N THR C 18 30.39 -39.95 -0.30
CA THR C 18 29.04 -39.78 0.23
C THR C 18 29.14 -39.04 1.55
N VAL C 19 28.26 -38.07 1.76
CA VAL C 19 28.30 -37.20 2.96
C VAL C 19 26.92 -36.99 3.57
N THR C 20 26.90 -36.56 4.83
CA THR C 20 25.67 -36.26 5.55
C THR C 20 25.89 -35.03 6.41
N ILE C 21 24.97 -34.10 6.31
CA ILE C 21 25.03 -32.86 7.06
C ILE C 21 23.72 -32.69 7.84
N THR C 22 23.76 -31.88 8.90
CA THR C 22 22.68 -31.92 9.88
C THR C 22 22.10 -30.54 10.16
N CYS C 23 20.88 -30.56 10.67
CA CYS C 23 20.13 -29.37 11.03
C CYS C 23 19.32 -29.65 12.30
N ARG C 24 19.56 -28.85 13.35
CA ARG C 24 18.77 -28.93 14.58
C ARG C 24 17.91 -27.70 14.83
N ALA C 25 16.64 -27.92 15.16
CA ALA C 25 15.69 -26.87 15.53
C ALA C 25 15.62 -26.73 17.05
N SER C 26 15.55 -25.50 17.53
CA SER C 26 15.57 -25.25 18.98
C SER C 26 14.30 -25.73 19.64
N GLU C 27 13.22 -25.76 18.88
CA GLU C 27 11.95 -26.37 19.31
C GLU C 27 11.32 -27.23 18.22
N ASN C 28 10.28 -27.99 18.59
CA ASN C 28 9.67 -28.96 17.69
C ASN C 28 9.12 -28.31 16.43
N ILE C 29 9.37 -28.94 15.27
CA ILE C 29 8.81 -28.46 13.98
C ILE C 29 8.22 -29.61 13.15
N TYR C 30 7.97 -30.76 13.79
CA TYR C 30 7.39 -31.93 13.12
C TYR C 30 8.21 -32.41 11.94
N SER C 31 7.64 -32.39 10.74
CA SER C 31 8.33 -32.81 9.52
C SER C 31 8.64 -31.64 8.62
N TYR C 32 8.39 -30.42 9.10
CA TYR C 32 8.36 -29.25 8.25
C TYR C 32 9.71 -28.55 8.17
N LEU C 33 10.62 -29.21 7.47
CA LEU C 33 11.95 -28.70 7.23
C LEU C 33 12.29 -28.90 5.76
N ALA C 34 12.82 -27.84 5.16
CA ALA C 34 13.25 -27.82 3.77
C ALA C 34 14.76 -27.70 3.69
N TRP C 35 15.33 -28.21 2.60
CA TRP C 35 16.76 -28.05 2.33
C TRP C 35 16.94 -27.33 0.99
N TYR C 36 17.83 -26.33 0.97
CA TYR C 36 18.24 -25.62 -0.24
C TYR C 36 19.73 -25.77 -0.51
N GLN C 37 20.05 -25.76 -1.79
CA GLN C 37 21.45 -25.74 -2.26
C GLN C 37 21.69 -24.38 -2.91
N GLN C 38 22.88 -23.83 -2.69
CA GLN C 38 23.30 -22.60 -3.35
C GLN C 38 24.70 -22.76 -3.84
N LYS C 39 24.81 -22.79 -5.16
CA LYS C 39 26.10 -22.88 -5.81
C LYS C 39 26.70 -21.48 -5.83
N GLN C 40 28.03 -21.40 -5.98
CA GLN C 40 28.77 -20.13 -5.89
C GLN C 40 28.28 -19.14 -6.95
N GLY C 41 27.87 -17.95 -6.51
CA GLY C 41 27.37 -16.91 -7.43
C GLY C 41 25.96 -17.10 -8.01
N LYS C 42 25.20 -18.05 -7.47
CA LYS C 42 23.87 -18.38 -7.99
C LYS C 42 22.81 -18.26 -6.89
N SER C 43 21.55 -18.27 -7.32
CA SER C 43 20.42 -18.32 -6.43
C SER C 43 20.31 -19.70 -5.80
N PRO C 44 19.72 -19.80 -4.60
CA PRO C 44 19.44 -21.11 -4.03
C PRO C 44 18.40 -21.85 -4.85
N GLN C 45 18.36 -23.17 -4.65
CA GLN C 45 17.39 -24.04 -5.32
C GLN C 45 16.89 -25.00 -4.27
N LEU C 46 15.60 -25.31 -4.32
CA LEU C 46 15.00 -26.18 -3.33
C LEU C 46 15.45 -27.58 -3.69
N LEU C 47 15.86 -28.36 -2.68
CA LEU C 47 16.22 -29.75 -2.88
C LEU C 47 15.15 -30.65 -2.26
N VAL C 48 14.78 -30.35 -1.01
CA VAL C 48 13.93 -31.21 -0.18
C VAL C 48 12.93 -30.40 0.63
N TYR C 49 11.70 -30.91 0.73
CA TYR C 49 10.69 -30.29 1.59
C TYR C 49 9.98 -31.35 2.42
N ASN C 50 9.40 -30.91 3.53
CA ASN C 50 8.68 -31.79 4.45
C ASN C 50 9.58 -32.92 4.99
N ALA C 51 10.82 -32.53 5.32
CA ALA C 51 11.88 -33.36 5.91
C ALA C 51 12.58 -34.28 4.91
N LYS C 52 11.81 -34.89 4.01
CA LYS C 52 12.32 -35.97 3.18
C LYS C 52 11.70 -36.16 1.79
N THR C 53 10.85 -35.24 1.33
CA THR C 53 10.32 -35.28 -0.03
C THR C 53 11.20 -34.48 -0.99
N LEU C 54 11.67 -35.15 -2.03
CA LEU C 54 12.49 -34.52 -3.07
C LEU C 54 11.68 -33.58 -3.96
N ALA C 55 12.21 -32.38 -4.17
CA ALA C 55 11.65 -31.43 -5.15
C ALA C 55 11.82 -31.95 -6.58
N GLU C 56 11.03 -31.39 -7.50
CA GLU C 56 11.09 -31.73 -8.93
C GLU C 56 12.46 -31.45 -9.51
N GLY C 57 12.96 -32.37 -10.32
CA GLY C 57 14.22 -32.20 -11.04
C GLY C 57 15.45 -32.60 -10.24
N VAL C 58 15.30 -32.72 -8.93
CA VAL C 58 16.46 -33.00 -8.05
C VAL C 58 16.91 -34.44 -8.27
N PRO C 59 18.22 -34.66 -8.53
CA PRO C 59 18.78 -36.01 -8.65
C PRO C 59 18.53 -36.91 -7.42
N SER C 60 18.39 -38.21 -7.65
CA SER C 60 18.10 -39.17 -6.59
C SER C 60 19.25 -39.38 -5.60
N ARG C 61 20.41 -38.84 -5.91
CA ARG C 61 21.58 -38.94 -5.02
C ARG C 61 21.38 -38.16 -3.72
N PHE C 62 20.42 -37.23 -3.71
CA PHE C 62 20.08 -36.42 -2.52
C PHE C 62 18.95 -37.09 -1.72
N SER C 63 19.08 -37.12 -0.40
CA SER C 63 18.13 -37.81 0.48
C SER C 63 17.94 -36.98 1.75
N GLY C 64 16.69 -36.70 2.14
CA GLY C 64 16.41 -36.03 3.42
C GLY C 64 15.81 -37.01 4.41
N SER C 65 15.98 -36.74 5.71
CA SER C 65 15.35 -37.56 6.78
C SER C 65 15.26 -36.76 8.09
N GLY C 66 14.46 -37.23 9.04
CA GLY C 66 14.33 -36.58 10.36
C GLY C 66 12.90 -36.22 10.73
N SER C 67 12.69 -35.90 12.01
CA SER C 67 11.50 -35.18 12.49
C SER C 67 11.71 -34.64 13.91
N GLY C 68 10.88 -33.70 14.34
CA GLY C 68 11.01 -33.16 15.70
C GLY C 68 11.99 -32.01 15.74
N THR C 69 13.23 -32.30 16.13
CA THR C 69 14.29 -31.29 16.15
C THR C 69 15.56 -31.67 15.38
N GLN C 70 15.74 -32.94 15.01
CA GLN C 70 17.00 -33.39 14.37
C GLN C 70 16.74 -33.89 12.94
N PHE C 71 17.45 -33.28 11.99
CA PHE C 71 17.23 -33.52 10.56
C PHE C 71 18.56 -33.74 9.88
N SER C 72 18.52 -34.43 8.74
CA SER C 72 19.73 -34.78 7.99
C SER C 72 19.51 -34.76 6.48
N LEU C 73 20.50 -34.24 5.76
CA LEU C 73 20.57 -34.34 4.31
C LEU C 73 21.75 -35.24 3.94
N LYS C 74 21.50 -36.25 3.10
CA LYS C 74 22.56 -37.12 2.62
C LYS C 74 22.77 -36.96 1.11
N ILE C 75 24.04 -36.85 0.69
CA ILE C 75 24.39 -36.83 -0.72
C ILE C 75 25.28 -38.01 -1.02
N ASN C 76 24.80 -38.86 -1.93
CA ASN C 76 25.49 -40.10 -2.31
C ASN C 76 26.35 -39.90 -3.55
N SER C 77 27.66 -40.04 -3.40
CA SER C 77 28.58 -39.86 -4.50
C SER C 77 28.48 -38.43 -5.01
N LEU C 78 29.15 -37.53 -4.27
CA LEU C 78 29.21 -36.12 -4.60
C LEU C 78 29.69 -35.88 -6.03
N GLN C 79 29.14 -34.85 -6.66
CA GLN C 79 29.57 -34.45 -7.98
C GLN C 79 30.24 -33.09 -7.92
N PRO C 80 31.03 -32.75 -8.95
CA PRO C 80 31.65 -31.43 -9.03
C PRO C 80 30.70 -30.30 -8.69
N GLU C 81 29.50 -30.32 -9.27
CA GLU C 81 28.48 -29.27 -9.05
C GLU C 81 27.90 -29.22 -7.64
N ASP C 82 28.00 -30.31 -6.87
CA ASP C 82 27.42 -30.36 -5.52
C ASP C 82 28.21 -29.57 -4.49
N PHE C 83 29.37 -29.06 -4.85
CA PHE C 83 30.24 -28.41 -3.88
C PHE C 83 29.91 -26.95 -3.72
N GLY C 84 28.93 -26.68 -2.87
CA GLY C 84 28.50 -25.30 -2.58
C GLY C 84 27.91 -25.25 -1.19
N SER C 85 26.98 -24.32 -0.95
CA SER C 85 26.35 -24.18 0.37
C SER C 85 25.00 -24.88 0.45
N TYR C 86 24.72 -25.42 1.64
CA TYR C 86 23.47 -26.09 1.95
C TYR C 86 22.82 -25.39 3.16
N TYR C 87 21.58 -24.93 2.98
CA TYR C 87 20.80 -24.36 4.07
C TYR C 87 19.52 -25.15 4.33
N CYS C 88 19.23 -25.39 5.62
CA CYS C 88 17.93 -25.86 6.07
C CYS C 88 17.01 -24.68 6.49
N GLN C 89 15.70 -24.87 6.33
CA GLN C 89 14.71 -23.84 6.70
C GLN C 89 13.46 -24.58 7.13
N HIS C 90 12.95 -24.26 8.29
CA HIS C 90 11.73 -24.88 8.77
C HIS C 90 10.56 -24.19 8.07
N HIS C 91 9.48 -24.92 7.85
CA HIS C 91 8.29 -24.32 7.26
C HIS C 91 7.07 -24.65 8.13
N TYR C 92 7.24 -24.47 9.43
CA TYR C 92 6.18 -24.64 10.42
C TYR C 92 5.70 -23.27 10.82
N GLY C 93 4.75 -22.73 10.05
CA GLY C 93 4.22 -21.41 10.29
C GLY C 93 5.28 -20.36 10.08
N THR C 94 5.20 -19.28 10.84
CA THR C 94 6.14 -18.16 10.69
C THR C 94 6.57 -17.67 12.07
N PRO C 95 7.70 -16.94 12.15
CA PRO C 95 8.63 -16.61 11.08
C PRO C 95 9.39 -17.83 10.60
N LEU C 96 9.66 -17.86 9.30
CA LEU C 96 10.55 -18.84 8.73
C LEU C 96 11.96 -18.44 9.12
N THR C 97 12.77 -19.45 9.45
CA THR C 97 14.15 -19.19 9.82
C THR C 97 15.04 -20.24 9.16
N PHE C 98 16.18 -19.77 8.69
CA PHE C 98 17.14 -20.57 8.00
C PHE C 98 18.25 -20.89 8.97
N GLY C 99 18.81 -22.08 8.86
CA GLY C 99 20.10 -22.38 9.45
C GLY C 99 21.19 -21.50 8.82
N ALA C 100 22.35 -21.42 9.48
CA ALA C 100 23.41 -20.52 9.04
C ALA C 100 24.20 -21.12 7.87
N GLY C 101 24.00 -22.40 7.62
CA GLY C 101 24.48 -23.02 6.39
C GLY C 101 25.64 -23.96 6.63
N THR C 102 25.87 -24.83 5.65
CA THR C 102 27.08 -25.67 5.60
C THR C 102 27.73 -25.50 4.23
N LYS C 103 29.00 -25.05 4.19
CA LYS C 103 29.76 -25.00 2.96
C LYS C 103 30.47 -26.34 2.76
N LEU C 104 30.11 -27.02 1.67
CA LEU C 104 30.79 -28.22 1.24
C LEU C 104 31.97 -27.82 0.35
N GLU C 105 33.17 -28.17 0.80
CA GLU C 105 34.40 -27.82 0.10
C GLU C 105 35.20 -29.08 -0.25
N LEU C 106 36.17 -28.91 -1.14
CA LEU C 106 36.94 -30.04 -1.67
C LEU C 106 38.08 -30.37 -0.76
N LYS C 107 38.26 -31.66 -0.49
CA LYS C 107 39.37 -32.09 0.33
C LYS C 107 40.63 -32.16 -0.52
N ARG C 108 41.74 -31.83 0.13
CA ARG C 108 43.05 -32.02 -0.43
C ARG C 108 44.08 -32.03 0.70
N ALA C 109 45.34 -32.19 0.30
CA ALA C 109 46.45 -32.34 1.23
C ALA C 109 46.76 -31.02 1.90
N ASP C 110 47.16 -31.05 3.17
CA ASP C 110 47.61 -29.83 3.83
C ASP C 110 48.74 -29.16 3.04
N ALA C 111 48.68 -27.82 2.96
CA ALA C 111 49.64 -27.01 2.21
C ALA C 111 49.91 -25.72 2.98
N ALA C 112 51.19 -25.39 3.10
CA ALA C 112 51.64 -24.24 3.85
C ALA C 112 51.37 -23.06 2.97
N PRO C 113 51.09 -21.89 3.57
CA PRO C 113 51.01 -20.71 2.73
C PRO C 113 52.37 -20.30 2.22
N THR C 114 52.35 -19.78 0.99
CA THR C 114 53.46 -19.05 0.41
C THR C 114 53.22 -17.58 0.73
N VAL C 115 54.14 -16.99 1.50
CA VAL C 115 53.94 -15.66 2.08
C VAL C 115 54.83 -14.66 1.35
N SER C 116 54.22 -13.59 0.83
CA SER C 116 54.96 -12.53 0.14
C SER C 116 54.59 -11.20 0.74
N ILE C 117 55.58 -10.37 0.99
CA ILE C 117 55.31 -9.04 1.55
C ILE C 117 55.85 -7.99 0.55
N PHE C 118 55.14 -6.87 0.44
CA PHE C 118 55.48 -5.81 -0.48
C PHE C 118 55.46 -4.48 0.25
N PRO C 119 56.53 -3.69 0.13
CA PRO C 119 56.45 -2.33 0.60
C PRO C 119 55.52 -1.52 -0.32
N PRO C 120 55.10 -0.34 0.15
CA PRO C 120 54.42 0.62 -0.69
C PRO C 120 55.20 0.88 -1.98
N SER C 121 54.52 1.00 -3.11
CA SER C 121 55.19 1.43 -4.32
C SER C 121 55.55 2.90 -4.18
N SER C 122 56.59 3.32 -4.90
CA SER C 122 56.98 4.73 -4.95
C SER C 122 55.83 5.57 -5.47
N GLU C 123 55.09 5.02 -6.41
CA GLU C 123 53.90 5.65 -6.96
C GLU C 123 52.90 6.02 -5.85
N GLN C 124 52.61 5.07 -4.97
CA GLN C 124 51.66 5.31 -3.91
C GLN C 124 52.21 6.36 -2.95
N LEU C 125 53.47 6.19 -2.54
CA LEU C 125 54.12 7.14 -1.62
C LEU C 125 54.06 8.56 -2.15
N THR C 126 54.26 8.75 -3.46
CA THR C 126 54.10 10.07 -4.09
C THR C 126 52.73 10.72 -3.86
N SER C 127 51.68 9.91 -3.71
CA SER C 127 50.32 10.43 -3.46
C SER C 127 50.05 10.65 -1.98
N GLY C 128 51.03 10.32 -1.14
CA GLY C 128 50.94 10.51 0.30
C GLY C 128 50.44 9.30 1.08
N GLY C 129 50.29 8.16 0.42
CA GLY C 129 49.83 6.93 1.09
C GLY C 129 50.88 5.87 1.19
N ALA C 130 50.69 4.94 2.11
CA ALA C 130 51.60 3.81 2.26
C ALA C 130 50.82 2.60 2.71
N SER C 131 50.58 1.68 1.77
CA SER C 131 49.97 0.42 2.08
C SER C 131 51.06 -0.67 1.97
N VAL C 132 51.21 -1.45 3.03
CA VAL C 132 52.08 -2.61 2.98
C VAL C 132 51.14 -3.77 2.69
N VAL C 133 51.48 -4.59 1.70
CA VAL C 133 50.67 -5.75 1.35
C VAL C 133 51.38 -7.08 1.62
N CYS C 134 50.62 -8.01 2.14
CA CYS C 134 51.09 -9.32 2.37
C CYS C 134 50.11 -10.29 1.74
N PHE C 135 50.63 -11.18 0.89
CA PHE C 135 49.86 -12.32 0.38
C PHE C 135 50.22 -13.61 1.10
N LEU C 136 49.18 -14.31 1.53
CA LEU C 136 49.30 -15.65 2.10
C LEU C 136 48.58 -16.58 1.16
N ASN C 137 49.32 -17.23 0.28
CA ASN C 137 48.75 -17.86 -0.91
C ASN C 137 48.81 -19.37 -0.89
N ASN C 138 47.78 -19.97 -1.47
CA ASN C 138 47.74 -21.39 -1.76
C ASN C 138 48.01 -22.29 -0.55
N PHE C 139 47.22 -22.08 0.49
CA PHE C 139 47.33 -22.87 1.71
C PHE C 139 46.07 -23.72 1.92
N TYR C 140 46.22 -24.71 2.79
CA TYR C 140 45.15 -25.65 3.12
C TYR C 140 45.49 -26.32 4.46
N PRO C 141 44.52 -26.40 5.39
CA PRO C 141 43.12 -25.97 5.31
C PRO C 141 42.93 -24.44 5.32
N LYS C 142 41.68 -24.00 5.24
CA LYS C 142 41.33 -22.58 5.08
C LYS C 142 41.60 -21.69 6.29
N ASP C 143 41.78 -22.29 7.46
CA ASP C 143 41.89 -21.51 8.69
C ASP C 143 43.29 -20.98 8.78
N ILE C 144 43.44 -19.69 9.06
CA ILE C 144 44.76 -19.07 9.12
C ILE C 144 44.68 -17.75 9.87
N ASN C 145 45.81 -17.30 10.38
CA ASN C 145 45.87 -16.05 11.16
C ASN C 145 47.13 -15.29 10.79
N VAL C 146 47.00 -13.97 10.76
CA VAL C 146 48.13 -13.14 10.36
C VAL C 146 48.23 -12.03 11.40
N LYS C 147 49.45 -11.73 11.83
CA LYS C 147 49.72 -10.60 12.69
C LYS C 147 50.74 -9.71 11.99
N TRP C 148 50.66 -8.42 12.27
CA TRP C 148 51.65 -7.44 11.82
C TRP C 148 52.50 -7.00 13.00
N LYS C 149 53.78 -6.82 12.74
CA LYS C 149 54.69 -6.21 13.71
C LYS C 149 55.41 -5.06 13.02
N ILE C 150 55.49 -3.92 13.70
CA ILE C 150 56.30 -2.80 13.24
C ILE C 150 57.39 -2.57 14.27
N ASP C 151 58.62 -2.92 13.90
CA ASP C 151 59.77 -2.84 14.81
C ASP C 151 59.53 -3.64 16.09
N GLY C 152 58.97 -4.85 15.94
CA GLY C 152 58.74 -5.75 17.05
C GLY C 152 57.41 -5.61 17.77
N SER C 153 56.73 -4.48 17.60
CA SER C 153 55.47 -4.21 18.30
C SER C 153 54.28 -4.57 17.41
N GLU C 154 53.37 -5.39 17.92
CA GLU C 154 52.21 -5.84 17.13
C GLU C 154 51.34 -4.68 16.69
N ARG C 155 50.76 -4.83 15.50
CA ARG C 155 49.95 -3.81 14.86
C ARG C 155 48.64 -4.42 14.42
N GLN C 156 47.54 -3.82 14.88
CA GLN C 156 46.17 -4.27 14.59
C GLN C 156 45.36 -3.22 13.83
N ASN C 157 45.48 -1.96 14.23
CA ASN C 157 44.85 -0.85 13.53
C ASN C 157 45.46 -0.67 12.15
N GLY C 158 44.62 -0.36 11.16
CA GLY C 158 45.07 -0.15 9.78
C GLY C 158 45.06 -1.39 8.90
N VAL C 159 44.90 -2.56 9.51
CA VAL C 159 44.97 -3.83 8.77
C VAL C 159 43.61 -4.22 8.26
N LEU C 160 43.56 -4.59 6.99
CA LEU C 160 42.36 -5.12 6.37
C LEU C 160 42.69 -6.41 5.66
N ASN C 161 41.92 -7.46 5.94
CA ASN C 161 42.17 -8.77 5.37
C ASN C 161 41.08 -9.14 4.37
N SER C 162 41.42 -9.99 3.41
CA SER C 162 40.45 -10.55 2.47
C SER C 162 40.86 -11.99 2.15
N TRP C 163 39.86 -12.85 1.96
CA TRP C 163 40.07 -14.29 1.75
C TRP C 163 39.40 -14.67 0.46
N THR C 164 40.12 -15.34 -0.43
CA THR C 164 39.50 -15.93 -1.62
C THR C 164 38.66 -17.14 -1.22
N ASP C 165 37.77 -17.52 -2.14
CA ASP C 165 37.04 -18.77 -2.02
C ASP C 165 38.05 -19.86 -2.40
N GLN C 166 37.66 -21.11 -2.26
CA GLN C 166 38.52 -22.22 -2.63
C GLN C 166 38.94 -22.17 -4.10
N ASP C 167 40.24 -22.30 -4.38
CA ASP C 167 40.72 -22.15 -5.74
C ASP C 167 40.09 -23.20 -6.64
N SER C 168 39.70 -22.80 -7.86
CA SER C 168 39.01 -23.71 -8.76
C SER C 168 39.91 -24.75 -9.41
N LYS C 169 41.23 -24.58 -9.37
CA LYS C 169 42.17 -25.56 -9.98
C LYS C 169 42.75 -26.52 -8.94
N ASP C 170 43.25 -25.96 -7.83
CA ASP C 170 44.08 -26.74 -6.91
C ASP C 170 43.52 -26.79 -5.49
N SER C 171 42.30 -26.28 -5.29
CA SER C 171 41.58 -26.45 -4.02
C SER C 171 42.27 -25.83 -2.80
N THR C 172 43.21 -24.94 -3.02
CA THR C 172 43.84 -24.15 -1.96
C THR C 172 43.01 -22.88 -1.62
N TYR C 173 43.40 -22.23 -0.54
CA TYR C 173 42.83 -20.97 -0.12
C TYR C 173 43.93 -19.95 -0.02
N SER C 174 43.60 -18.69 -0.26
CA SER C 174 44.58 -17.62 -0.24
C SER C 174 44.02 -16.46 0.58
N MET C 175 44.91 -15.64 1.09
CA MET C 175 44.53 -14.49 1.90
C MET C 175 45.42 -13.31 1.55
N SER C 176 44.83 -12.12 1.58
CA SER C 176 45.58 -10.90 1.53
C SER C 176 45.37 -10.14 2.80
N SER C 177 46.44 -9.55 3.30
CA SER C 177 46.41 -8.70 4.49
C SER C 177 47.12 -7.40 4.14
N THR C 178 46.41 -6.29 4.27
CA THR C 178 46.93 -5.03 3.82
C THR C 178 46.93 -4.06 4.98
N LEU C 179 48.11 -3.51 5.28
CA LEU C 179 48.30 -2.53 6.33
C LEU C 179 48.49 -1.15 5.71
N THR C 180 47.57 -0.24 5.99
CA THR C 180 47.58 1.08 5.36
C THR C 180 47.95 2.17 6.36
N LEU C 181 48.99 2.91 6.04
CA LEU C 181 49.50 3.97 6.89
C LEU C 181 49.57 5.24 6.05
N THR C 182 49.90 6.36 6.69
CA THR C 182 50.34 7.54 5.96
C THR C 182 51.80 7.36 5.56
N LYS C 183 52.23 8.13 4.56
CA LYS C 183 53.64 8.15 4.16
C LYS C 183 54.53 8.53 5.37
N ASP C 184 54.10 9.54 6.13
CA ASP C 184 54.84 9.99 7.30
C ASP C 184 54.94 8.91 8.37
N GLU C 185 53.83 8.29 8.73
CA GLU C 185 53.87 7.25 9.75
C GLU C 185 54.60 5.98 9.26
N TYR C 186 54.48 5.67 7.97
CA TYR C 186 55.32 4.63 7.36
C TYR C 186 56.81 4.97 7.57
N GLU C 187 57.16 6.25 7.43
CA GLU C 187 58.56 6.68 7.50
C GLU C 187 59.08 6.93 8.90
N ARG C 188 58.19 6.94 9.89
CA ARG C 188 58.58 6.97 11.29
C ARG C 188 58.95 5.58 11.82
N HIS C 189 58.95 4.57 10.95
CA HIS C 189 59.27 3.20 11.34
C HIS C 189 60.17 2.48 10.32
N ASN C 190 60.85 1.43 10.76
CA ASN C 190 61.89 0.77 9.96
C ASN C 190 61.53 -0.64 9.49
N SER C 191 61.29 -1.55 10.43
CA SER C 191 61.05 -2.95 10.12
C SER C 191 59.55 -3.24 10.05
N TYR C 192 59.11 -3.83 8.93
CA TYR C 192 57.70 -4.26 8.74
C TYR C 192 57.66 -5.76 8.51
N THR C 193 56.84 -6.45 9.31
CA THR C 193 56.79 -7.89 9.33
C THR C 193 55.35 -8.40 9.26
N CYS C 194 55.14 -9.34 8.34
CA CYS C 194 53.88 -10.04 8.17
C CYS C 194 54.13 -11.45 8.69
N GLU C 195 53.26 -11.98 9.54
CA GLU C 195 53.51 -13.32 10.05
C GLU C 195 52.25 -14.18 10.21
N ALA C 196 52.35 -15.40 9.69
CA ALA C 196 51.22 -16.30 9.54
C ALA C 196 51.38 -17.51 10.46
N THR C 197 50.35 -17.81 11.27
CA THR C 197 50.23 -19.14 11.93
C THR C 197 49.21 -19.99 11.16
N HIS C 198 49.53 -21.29 11.03
CA HIS C 198 48.73 -22.22 10.24
C HIS C 198 49.00 -23.66 10.68
N LYS C 199 47.95 -24.48 10.62
CA LYS C 199 48.02 -25.93 10.94
C LYS C 199 49.36 -26.57 10.52
N THR C 200 49.85 -26.23 9.34
CA THR C 200 51.07 -26.86 8.78
C THR C 200 52.40 -26.59 9.49
N SER C 201 52.49 -25.60 10.37
CA SER C 201 53.68 -25.53 11.23
C SER C 201 53.46 -24.94 12.62
N THR C 202 54.27 -25.41 13.55
CA THR C 202 54.23 -24.97 14.93
C THR C 202 54.84 -23.59 15.13
N SER C 203 55.57 -23.10 14.13
CA SER C 203 56.13 -21.75 14.17
C SER C 203 55.44 -20.87 13.14
N PRO C 204 55.32 -19.57 13.44
CA PRO C 204 54.89 -18.60 12.44
C PRO C 204 55.78 -18.57 11.20
N ILE C 205 55.18 -18.40 10.02
CA ILE C 205 55.96 -18.04 8.83
C ILE C 205 56.11 -16.54 8.86
N VAL C 206 57.35 -16.06 8.92
CA VAL C 206 57.64 -14.64 9.01
C VAL C 206 58.24 -14.18 7.69
N LYS C 207 57.61 -13.18 7.07
CA LYS C 207 58.23 -12.41 5.98
C LYS C 207 58.35 -11.00 6.47
N SER C 208 59.48 -10.36 6.19
CA SER C 208 59.61 -8.96 6.56
C SER C 208 60.42 -8.16 5.54
N PHE C 209 60.45 -6.85 5.74
CA PHE C 209 61.41 -6.01 5.06
C PHE C 209 61.73 -4.83 5.97
N ASN C 210 62.79 -4.10 5.63
CA ASN C 210 63.16 -2.88 6.32
C ASN C 210 63.02 -1.73 5.32
N ARG C 211 62.47 -0.61 5.74
CA ARG C 211 62.24 0.53 4.86
C ARG C 211 63.55 1.07 4.31
N ASN C 212 64.60 1.06 5.15
CA ASN C 212 65.95 1.44 4.71
C ASN C 212 66.54 0.45 3.71
N GLU C 213 65.89 -0.71 3.59
CA GLU C 213 65.97 -1.64 2.46
C GLU C 213 66.96 -2.75 2.67
N GLN D 1 9.87 -23.72 -16.47
CA GLN D 1 8.85 -22.75 -16.96
C GLN D 1 8.49 -21.69 -15.92
N VAL D 2 8.52 -22.05 -14.62
CA VAL D 2 8.36 -21.06 -13.55
C VAL D 2 9.58 -20.15 -13.60
N LYS D 3 9.34 -18.85 -13.70
CA LYS D 3 10.43 -17.89 -13.73
C LYS D 3 10.04 -16.68 -12.92
N LEU D 4 10.99 -16.19 -12.14
CA LEU D 4 10.83 -14.97 -11.36
C LEU D 4 11.90 -14.02 -11.83
N LEU D 5 11.51 -13.00 -12.61
CA LEU D 5 12.45 -12.01 -13.10
C LEU D 5 12.49 -10.76 -12.23
N GLU D 6 13.59 -10.56 -11.52
CA GLU D 6 13.78 -9.35 -10.71
C GLU D 6 14.45 -8.17 -11.44
N SER D 7 14.21 -6.98 -10.88
CA SER D 7 14.70 -5.73 -11.44
C SER D 7 16.18 -5.62 -11.12
N GLY D 8 16.83 -4.72 -11.83
CA GLY D 8 18.28 -4.63 -11.82
C GLY D 8 18.90 -4.04 -10.56
N PRO D 9 20.24 -3.97 -10.53
CA PRO D 9 20.97 -3.56 -9.34
C PRO D 9 20.69 -2.11 -8.95
N GLU D 10 20.66 -1.87 -7.64
CA GLU D 10 20.33 -0.56 -7.12
C GLU D 10 21.48 0.00 -6.33
N LEU D 11 21.87 1.22 -6.70
CA LEU D 11 22.78 2.01 -5.93
C LEU D 11 22.02 3.19 -5.36
N VAL D 12 21.88 3.22 -4.04
CA VAL D 12 21.02 4.22 -3.39
C VAL D 12 21.70 4.88 -2.19
N LYS D 13 21.33 6.13 -1.92
CA LYS D 13 21.97 6.91 -0.86
C LYS D 13 21.36 6.55 0.50
N PRO D 14 22.16 6.65 1.59
CA PRO D 14 21.60 6.41 2.93
C PRO D 14 20.38 7.32 3.17
N GLY D 15 19.36 6.80 3.87
CA GLY D 15 18.16 7.58 4.16
C GLY D 15 17.09 7.48 3.07
N ALA D 16 17.49 7.15 1.85
CA ALA D 16 16.55 6.99 0.74
C ALA D 16 15.75 5.70 0.87
N SER D 17 14.91 5.46 -0.13
CA SER D 17 14.11 4.23 -0.22
C SER D 17 14.42 3.63 -1.56
N VAL D 18 14.09 2.35 -1.72
CA VAL D 18 14.20 1.70 -3.00
C VAL D 18 13.06 0.71 -3.14
N LYS D 19 12.55 0.55 -4.35
CA LYS D 19 11.43 -0.36 -4.63
C LYS D 19 11.82 -1.26 -5.80
N MET D 20 11.89 -2.55 -5.51
CA MET D 20 12.34 -3.55 -6.45
C MET D 20 11.17 -4.44 -6.86
N SER D 21 11.30 -5.10 -8.00
CA SER D 21 10.21 -5.83 -8.62
C SER D 21 10.62 -7.26 -8.98
N CYS D 22 9.62 -8.10 -9.09
CA CYS D 22 9.78 -9.51 -9.28
C CYS D 22 8.62 -9.92 -10.18
N LYS D 23 8.87 -10.03 -11.47
CA LYS D 23 7.81 -10.42 -12.39
C LYS D 23 7.76 -11.94 -12.56
N ALA D 24 6.57 -12.50 -12.34
CA ALA D 24 6.35 -13.93 -12.38
C ALA D 24 5.79 -14.39 -13.72
N SER D 25 6.24 -15.58 -14.16
CA SER D 25 5.64 -16.31 -15.31
C SER D 25 5.77 -17.80 -15.06
N GLY D 26 5.04 -18.62 -15.82
CA GLY D 26 5.13 -20.08 -15.72
C GLY D 26 4.14 -20.76 -14.79
N TYR D 27 3.35 -19.95 -14.08
CA TYR D 27 2.34 -20.43 -13.14
C TYR D 27 1.25 -19.36 -12.94
N THR D 28 0.18 -19.70 -12.24
CA THR D 28 -0.87 -18.73 -11.91
C THR D 28 -0.40 -17.88 -10.75
N PHE D 29 0.01 -16.65 -11.05
CA PHE D 29 0.62 -15.71 -10.08
C PHE D 29 -0.15 -15.63 -8.76
N THR D 30 -1.47 -15.52 -8.81
CA THR D 30 -2.25 -15.33 -7.57
C THR D 30 -2.35 -16.60 -6.70
N SER D 31 -1.96 -17.75 -7.24
CA SER D 31 -2.16 -19.04 -6.55
C SER D 31 -1.11 -19.37 -5.49
N TYR D 32 -0.08 -18.55 -5.39
CA TYR D 32 1.05 -18.82 -4.49
C TYR D 32 1.54 -17.54 -3.88
N VAL D 33 1.91 -17.58 -2.60
CA VAL D 33 2.44 -16.41 -1.94
C VAL D 33 3.85 -16.16 -2.51
N MET D 34 4.34 -14.93 -2.39
CA MET D 34 5.66 -14.58 -2.85
C MET D 34 6.46 -14.09 -1.68
N HIS D 35 7.56 -14.80 -1.40
CA HIS D 35 8.43 -14.50 -0.27
C HIS D 35 9.55 -13.60 -0.75
N TRP D 36 10.17 -12.91 0.20
CA TRP D 36 11.35 -12.03 -0.03
C TRP D 36 12.38 -12.46 1.01
N VAL D 37 13.62 -12.57 0.55
CA VAL D 37 14.75 -13.09 1.35
C VAL D 37 15.97 -12.16 1.11
N LYS D 38 16.71 -11.93 2.19
CA LYS D 38 17.91 -11.10 2.20
C LYS D 38 19.12 -11.98 2.33
N GLN D 39 20.17 -11.70 1.53
CA GLN D 39 21.45 -12.35 1.74
C GLN D 39 22.60 -11.32 1.65
N LYS D 40 23.24 -11.06 2.76
CA LYS D 40 24.34 -10.11 2.77
C LYS D 40 25.56 -10.72 2.11
N PRO D 41 26.41 -9.87 1.52
CA PRO D 41 27.42 -10.39 0.61
C PRO D 41 28.32 -11.29 1.44
N GLY D 42 28.40 -12.57 1.09
CA GLY D 42 29.19 -13.57 1.82
C GLY D 42 28.49 -14.33 2.96
N GLN D 43 27.26 -13.90 3.31
CA GLN D 43 26.51 -14.46 4.47
C GLN D 43 25.30 -15.31 4.07
N GLY D 44 24.54 -15.74 5.09
CA GLY D 44 23.41 -16.61 4.92
C GLY D 44 22.13 -15.90 4.55
N LEU D 45 21.03 -16.63 4.70
CA LEU D 45 19.73 -16.24 4.22
C LEU D 45 18.83 -15.79 5.37
N GLU D 46 18.02 -14.77 5.10
CA GLU D 46 17.15 -14.19 6.10
C GLU D 46 15.81 -13.95 5.48
N TRP D 47 14.77 -14.49 6.10
CA TRP D 47 13.42 -14.37 5.60
C TRP D 47 12.83 -13.03 5.98
N ILE D 48 12.34 -12.28 4.99
CA ILE D 48 11.73 -10.96 5.21
C ILE D 48 10.21 -10.98 5.49
N GLY D 49 9.50 -11.71 4.66
CA GLY D 49 8.04 -11.77 4.66
C GLY D 49 7.52 -12.36 3.37
N TYR D 50 6.20 -12.52 3.29
CA TYR D 50 5.56 -12.81 2.03
C TYR D 50 4.35 -11.96 1.77
N ILE D 51 3.94 -11.88 0.50
CA ILE D 51 2.65 -11.34 0.13
C ILE D 51 1.85 -12.41 -0.60
N ASN D 52 0.55 -12.42 -0.31
CA ASN D 52 -0.38 -13.27 -1.00
C ASN D 52 -1.08 -12.47 -2.10
N PRO D 53 -0.68 -12.64 -3.36
CA PRO D 53 -1.30 -11.74 -4.35
C PRO D 53 -2.78 -12.00 -4.65
N TYR D 54 -3.32 -13.10 -4.17
CA TYR D 54 -4.74 -13.33 -4.26
C TYR D 54 -5.58 -12.30 -3.52
N ASN D 55 -5.18 -12.00 -2.28
CA ASN D 55 -5.97 -11.17 -1.36
C ASN D 55 -5.19 -10.03 -0.75
N ASP D 56 -3.97 -9.82 -1.22
CA ASP D 56 -3.08 -8.72 -0.81
C ASP D 56 -2.54 -8.89 0.61
N GLY D 57 -2.86 -10.02 1.25
CA GLY D 57 -2.37 -10.32 2.58
C GLY D 57 -0.86 -10.52 2.69
N THR D 58 -0.29 -10.11 3.82
CA THR D 58 1.17 -10.20 4.03
C THR D 58 1.47 -10.84 5.41
N LYS D 59 2.70 -11.35 5.58
CA LYS D 59 3.21 -11.68 6.90
C LYS D 59 4.65 -11.25 6.90
N TYR D 60 5.09 -10.50 7.91
CA TYR D 60 6.47 -10.08 7.98
C TYR D 60 7.22 -10.77 9.11
N ASN D 61 8.52 -10.98 8.89
CA ASN D 61 9.47 -11.22 9.97
C ASN D 61 9.46 -9.95 10.78
N GLU D 62 9.30 -10.07 12.09
CA GLU D 62 9.28 -8.89 12.97
C GLU D 62 10.44 -7.93 12.73
N LYS D 63 11.60 -8.49 12.41
CA LYS D 63 12.80 -7.70 12.18
C LYS D 63 12.69 -6.69 11.03
N PHE D 64 11.83 -6.99 10.07
CA PHE D 64 11.68 -6.14 8.88
C PHE D 64 10.44 -5.27 8.86
N LYS D 65 9.64 -5.36 9.92
CA LYS D 65 8.48 -4.52 10.11
C LYS D 65 8.91 -3.07 10.10
N GLY D 66 8.36 -2.30 9.16
CA GLY D 66 8.70 -0.89 9.01
C GLY D 66 9.89 -0.64 8.13
N LYS D 67 10.61 -1.70 7.77
CA LYS D 67 11.75 -1.56 6.88
C LYS D 67 11.30 -1.94 5.48
N ALA D 68 10.64 -3.10 5.40
CA ALA D 68 10.13 -3.63 4.14
C ALA D 68 8.61 -3.47 4.03
N THR D 69 8.13 -3.13 2.82
CA THR D 69 6.70 -3.13 2.49
C THR D 69 6.54 -3.97 1.21
N LEU D 70 5.71 -5.02 1.32
CA LEU D 70 5.46 -5.97 0.25
C LEU D 70 4.13 -5.65 -0.40
N THR D 71 4.14 -5.57 -1.73
CA THR D 71 2.92 -5.30 -2.51
C THR D 71 2.95 -6.16 -3.76
N SER D 72 1.87 -6.10 -4.54
CA SER D 72 1.80 -6.88 -5.77
C SER D 72 0.79 -6.27 -6.69
N ASP D 73 1.01 -6.46 -7.98
CA ASP D 73 0.12 -6.04 -9.05
C ASP D 73 -0.26 -7.26 -9.89
N LYS D 74 -1.48 -7.73 -9.72
CA LYS D 74 -1.84 -8.96 -10.38
C LYS D 74 -2.03 -8.77 -11.87
N SER D 75 -2.26 -7.55 -12.34
CA SER D 75 -2.45 -7.31 -13.77
C SER D 75 -1.18 -7.67 -14.55
N SER D 76 -0.03 -7.33 -13.99
CA SER D 76 1.28 -7.60 -14.60
C SER D 76 2.04 -8.78 -13.98
N SER D 77 1.40 -9.58 -13.13
CA SER D 77 2.07 -10.69 -12.46
C SER D 77 3.38 -10.26 -11.80
N THR D 78 3.33 -9.20 -10.99
CA THR D 78 4.52 -8.57 -10.43
C THR D 78 4.34 -8.26 -8.93
N ALA D 79 5.33 -8.71 -8.15
CA ALA D 79 5.45 -8.48 -6.75
C ALA D 79 6.54 -7.44 -6.57
N TYR D 80 6.39 -6.62 -5.53
CA TYR D 80 7.31 -5.54 -5.25
C TYR D 80 7.68 -5.53 -3.78
N MET D 81 8.90 -5.07 -3.51
CA MET D 81 9.32 -4.82 -2.15
C MET D 81 9.97 -3.46 -2.09
N GLU D 82 9.47 -2.63 -1.21
CA GLU D 82 10.03 -1.30 -0.98
C GLU D 82 10.75 -1.34 0.35
N LEU D 83 12.00 -0.90 0.35
CA LEU D 83 12.83 -0.76 1.56
C LEU D 83 13.02 0.72 1.84
N SER D 84 12.75 1.14 3.07
CA SER D 84 12.77 2.54 3.45
C SER D 84 13.93 2.82 4.41
N SER D 85 14.30 4.09 4.51
CA SER D 85 15.30 4.62 5.44
C SER D 85 16.57 3.83 5.35
N LEU D 86 17.15 3.80 4.17
CA LEU D 86 18.21 2.78 3.92
C LEU D 86 19.47 3.12 4.62
N THR D 87 20.15 2.10 5.13
CA THR D 87 21.51 2.28 5.60
C THR D 87 22.42 1.21 5.01
N SER D 88 23.69 1.28 5.36
CA SER D 88 24.68 0.28 4.92
C SER D 88 24.31 -1.14 5.34
N GLU D 89 23.52 -1.29 6.41
CA GLU D 89 23.00 -2.62 6.81
C GLU D 89 22.04 -3.23 5.81
N ASP D 90 21.42 -2.38 5.01
CA ASP D 90 20.51 -2.87 4.00
C ASP D 90 21.19 -3.31 2.70
N SER D 91 22.49 -3.08 2.59
CA SER D 91 23.22 -3.58 1.43
C SER D 91 23.24 -5.11 1.43
N ALA D 92 22.72 -5.68 0.35
CA ALA D 92 22.60 -7.11 0.24
C ALA D 92 22.04 -7.45 -1.10
N VAL D 93 22.04 -8.74 -1.36
CA VAL D 93 21.25 -9.30 -2.42
C VAL D 93 19.88 -9.69 -1.84
N TYR D 94 18.82 -9.27 -2.51
CA TYR D 94 17.45 -9.64 -2.13
C TYR D 94 16.87 -10.53 -3.20
N TYR D 95 16.13 -11.55 -2.79
CA TYR D 95 15.50 -12.49 -3.71
C TYR D 95 14.04 -12.49 -3.47
N CYS D 96 13.26 -12.63 -4.53
CA CYS D 96 11.87 -13.04 -4.32
C CYS D 96 11.89 -14.54 -4.53
N VAL D 97 11.03 -15.26 -3.78
CA VAL D 97 10.92 -16.70 -3.87
C VAL D 97 9.45 -17.09 -3.84
N ARG D 98 9.03 -17.89 -4.81
CA ARG D 98 7.66 -18.38 -4.79
C ARG D 98 7.41 -19.28 -3.60
N GLY D 99 6.25 -19.08 -2.96
CA GLY D 99 5.84 -19.89 -1.86
C GLY D 99 4.96 -21.04 -2.25
N GLY D 100 4.24 -21.51 -1.24
CA GLY D 100 3.31 -22.60 -1.41
C GLY D 100 1.94 -22.23 -1.94
N TYR D 101 1.35 -23.25 -2.56
CA TYR D 101 -0.08 -23.33 -2.80
C TYR D 101 -0.81 -22.96 -1.50
N ARG D 102 -0.33 -23.53 -0.39
CA ARG D 102 -0.72 -23.04 0.94
C ARG D 102 0.44 -22.20 1.44
N PRO D 103 0.14 -21.10 2.14
CA PRO D 103 1.21 -20.20 2.55
C PRO D 103 2.28 -20.81 3.49
N TYR D 104 1.95 -21.90 4.20
CA TYR D 104 2.84 -22.49 5.22
C TYR D 104 3.70 -23.62 4.65
N TYR D 105 3.55 -23.91 3.35
CA TYR D 105 4.44 -24.83 2.64
C TYR D 105 5.82 -24.22 2.40
N ALA D 106 6.79 -25.05 2.02
CA ALA D 106 8.16 -24.61 1.74
C ALA D 106 8.16 -23.71 0.50
N MET D 107 8.98 -22.66 0.53
CA MET D 107 9.22 -21.89 -0.68
C MET D 107 10.03 -22.75 -1.67
N ASP D 108 9.76 -22.60 -2.96
CA ASP D 108 10.41 -23.44 -3.93
C ASP D 108 11.31 -22.65 -4.86
N TYR D 109 10.74 -21.79 -5.71
CA TYR D 109 11.51 -21.21 -6.85
C TYR D 109 12.02 -19.81 -6.62
N TRP D 110 13.34 -19.64 -6.75
CA TRP D 110 14.01 -18.38 -6.39
C TRP D 110 14.28 -17.50 -7.61
N GLY D 111 14.17 -16.19 -7.43
CA GLY D 111 14.57 -15.23 -8.44
C GLY D 111 16.08 -15.12 -8.60
N GLN D 112 16.48 -14.44 -9.65
CA GLN D 112 17.88 -14.12 -9.96
C GLN D 112 18.54 -13.32 -8.84
N GLY D 113 17.74 -12.59 -8.06
CA GLY D 113 18.26 -11.66 -7.05
C GLY D 113 18.47 -10.24 -7.57
N THR D 114 18.28 -9.27 -6.66
CA THR D 114 18.56 -7.85 -6.88
C THR D 114 19.62 -7.38 -5.86
N SER D 115 20.74 -6.89 -6.37
CA SER D 115 21.79 -6.34 -5.48
C SER D 115 21.49 -4.89 -5.15
N VAL D 116 21.44 -4.59 -3.85
CA VAL D 116 21.23 -3.25 -3.37
C VAL D 116 22.49 -2.80 -2.64
N THR D 117 23.04 -1.65 -3.03
CA THR D 117 24.20 -1.09 -2.38
C THR D 117 23.86 0.34 -1.89
N VAL D 118 24.10 0.58 -0.60
CA VAL D 118 23.68 1.79 0.08
C VAL D 118 24.93 2.57 0.44
N SER D 119 25.14 3.70 -0.22
CA SER D 119 26.39 4.42 -0.07
C SER D 119 26.26 5.85 -0.51
N SER D 120 27.05 6.73 0.10
CA SER D 120 27.19 8.14 -0.31
C SER D 120 28.22 8.38 -1.38
N ALA D 121 29.04 7.36 -1.67
CA ALA D 121 30.17 7.50 -2.56
C ALA D 121 29.78 7.97 -3.95
N LYS D 122 30.73 8.67 -4.55
CA LYS D 122 30.72 9.04 -5.95
C LYS D 122 31.43 7.98 -6.75
N THR D 123 31.09 7.87 -8.01
CA THR D 123 31.81 6.95 -8.90
C THR D 123 33.23 7.41 -8.95
N THR D 124 34.14 6.47 -8.66
CA THR D 124 35.53 6.79 -8.52
C THR D 124 36.35 5.67 -9.17
N PRO D 125 37.23 6.01 -10.14
CA PRO D 125 38.07 4.94 -10.69
C PRO D 125 39.17 4.59 -9.72
N PRO D 126 39.71 3.36 -9.82
CA PRO D 126 40.74 2.97 -8.87
C PRO D 126 42.12 3.59 -9.16
N SER D 127 42.88 3.80 -8.08
CA SER D 127 44.32 3.91 -8.15
C SER D 127 44.86 2.53 -8.28
N VAL D 128 45.80 2.32 -9.18
CA VAL D 128 46.41 0.98 -9.33
C VAL D 128 47.91 1.09 -9.09
N TYR D 129 48.43 0.28 -8.15
CA TYR D 129 49.84 0.36 -7.77
C TYR D 129 50.50 -0.98 -7.98
N PRO D 130 51.73 -0.97 -8.56
CA PRO D 130 52.40 -2.23 -8.82
C PRO D 130 52.93 -2.80 -7.51
N LEU D 131 52.88 -4.13 -7.34
CA LEU D 131 53.55 -4.79 -6.22
C LEU D 131 54.69 -5.69 -6.70
N ALA D 132 55.92 -5.19 -6.56
CA ALA D 132 57.12 -5.88 -7.01
C ALA D 132 57.87 -6.38 -5.79
N PRO D 133 58.50 -7.57 -5.90
CA PRO D 133 59.30 -8.11 -4.82
C PRO D 133 60.45 -7.18 -4.45
N ASN D 140 63.58 -17.83 -5.22
CA ASN D 140 63.87 -18.10 -6.61
C ASN D 140 62.73 -18.66 -7.48
N SER D 141 62.51 -19.97 -7.45
CA SER D 141 61.95 -20.64 -8.64
C SER D 141 60.67 -19.99 -9.18
N MET D 142 59.73 -19.68 -8.29
CA MET D 142 58.58 -18.87 -8.67
C MET D 142 58.62 -17.53 -7.95
N VAL D 143 58.14 -16.48 -8.62
CA VAL D 143 58.13 -15.14 -8.08
C VAL D 143 56.69 -14.65 -8.10
N THR D 144 56.24 -14.09 -6.99
CA THR D 144 54.88 -13.58 -6.91
C THR D 144 54.90 -12.05 -7.03
N LEU D 145 54.07 -11.54 -7.94
CA LEU D 145 53.90 -10.11 -8.22
C LEU D 145 52.45 -9.79 -7.89
N GLY D 146 52.16 -8.51 -7.81
CA GLY D 146 50.81 -8.10 -7.45
C GLY D 146 50.46 -6.73 -7.95
N CYS D 147 49.20 -6.39 -7.71
CA CYS D 147 48.55 -5.21 -8.22
C CYS D 147 47.59 -4.83 -7.08
N LEU D 148 47.82 -3.66 -6.45
CA LEU D 148 46.92 -3.06 -5.47
C LEU D 148 45.95 -2.08 -6.17
N VAL D 149 44.64 -2.37 -6.05
CA VAL D 149 43.57 -1.64 -6.72
C VAL D 149 42.78 -0.91 -5.60
N LYS D 150 43.01 0.37 -5.48
CA LYS D 150 42.61 1.06 -4.27
C LYS D 150 41.70 2.27 -4.54
N GLY D 151 40.65 2.41 -3.73
CA GLY D 151 39.89 3.63 -3.68
C GLY D 151 38.88 3.82 -4.81
N TYR D 152 38.22 2.75 -5.19
CA TYR D 152 37.21 2.82 -6.26
C TYR D 152 35.77 2.60 -5.78
N PHE D 153 34.85 3.04 -6.65
CA PHE D 153 33.41 2.86 -6.37
C PHE D 153 32.66 3.08 -7.67
N PRO D 154 31.63 2.28 -7.91
CA PRO D 154 31.19 1.09 -7.19
C PRO D 154 32.00 -0.12 -7.62
N GLU D 155 31.64 -1.25 -7.05
CA GLU D 155 32.02 -2.54 -7.59
C GLU D 155 31.28 -2.83 -8.88
N PRO D 156 31.86 -3.66 -9.79
CA PRO D 156 33.14 -4.35 -9.73
C PRO D 156 34.30 -3.67 -10.42
N VAL D 157 35.48 -4.26 -10.25
CA VAL D 157 36.59 -4.07 -11.18
C VAL D 157 36.95 -5.46 -11.71
N THR D 158 37.58 -5.51 -12.88
CA THR D 158 38.17 -6.75 -13.33
C THR D 158 39.69 -6.57 -13.47
N VAL D 159 40.46 -7.59 -13.08
CA VAL D 159 41.90 -7.57 -13.21
C VAL D 159 42.34 -8.76 -14.06
N THR D 160 43.18 -8.49 -15.05
CA THR D 160 43.85 -9.50 -15.83
C THR D 160 45.33 -9.18 -15.81
N TRP D 161 46.12 -10.13 -16.29
CA TRP D 161 47.55 -10.01 -16.34
C TRP D 161 47.99 -10.31 -17.74
N ASN D 162 48.83 -9.43 -18.25
CA ASN D 162 49.28 -9.44 -19.65
C ASN D 162 48.11 -9.60 -20.63
N SER D 163 47.02 -8.87 -20.36
CA SER D 163 45.83 -8.88 -21.19
C SER D 163 45.24 -10.27 -21.30
N GLY D 164 45.26 -11.03 -20.20
CA GLY D 164 44.72 -12.40 -20.19
C GLY D 164 45.66 -13.50 -20.58
N SER D 165 46.81 -13.15 -21.15
CA SER D 165 47.82 -14.12 -21.55
C SER D 165 48.39 -14.83 -20.36
N LEU D 166 48.35 -14.17 -19.20
CA LEU D 166 48.89 -14.75 -17.99
C LEU D 166 47.71 -15.12 -17.07
N SER D 167 47.28 -16.37 -17.10
CA SER D 167 46.05 -16.74 -16.41
C SER D 167 46.21 -17.81 -15.30
N SER D 168 47.29 -18.56 -15.33
CA SER D 168 47.60 -19.49 -14.27
C SER D 168 48.28 -18.76 -13.10
N GLY D 169 48.03 -19.23 -11.89
CA GLY D 169 48.67 -18.66 -10.72
C GLY D 169 48.25 -17.26 -10.36
N VAL D 170 47.02 -16.89 -10.74
CA VAL D 170 46.41 -15.62 -10.39
C VAL D 170 45.40 -15.80 -9.28
N HIS D 171 45.47 -14.94 -8.27
CA HIS D 171 44.39 -14.79 -7.25
C HIS D 171 43.99 -13.36 -7.23
N THR D 172 42.73 -13.07 -7.53
CA THR D 172 42.17 -11.75 -7.30
C THR D 172 41.25 -11.83 -6.06
N PHE D 173 41.51 -10.97 -5.09
CA PHE D 173 40.88 -11.05 -3.79
C PHE D 173 39.55 -10.29 -3.77
N PRO D 174 38.61 -10.74 -2.93
CA PRO D 174 37.40 -9.93 -2.82
C PRO D 174 37.71 -8.52 -2.35
N ALA D 175 36.91 -7.57 -2.79
CA ALA D 175 37.10 -6.19 -2.41
C ALA D 175 36.64 -5.98 -0.98
N VAL D 176 37.31 -5.09 -0.25
CA VAL D 176 36.84 -4.63 1.07
C VAL D 176 36.59 -3.12 1.05
N LEU D 177 35.62 -2.67 1.84
CA LEU D 177 35.42 -1.24 2.07
C LEU D 177 36.52 -0.63 2.94
N GLN D 178 37.20 0.38 2.38
CA GLN D 178 38.28 1.11 3.05
C GLN D 178 38.02 2.58 2.79
N SER D 179 37.45 3.26 3.78
CA SER D 179 37.18 4.70 3.71
C SER D 179 36.09 5.01 2.68
N ASP D 180 34.88 4.44 2.84
CA ASP D 180 33.78 4.60 1.87
C ASP D 180 34.10 4.16 0.41
N LEU D 181 35.23 3.51 0.20
CA LEU D 181 35.64 3.11 -1.13
C LEU D 181 36.13 1.67 -1.07
N TYR D 182 36.19 1.02 -2.23
CA TYR D 182 36.66 -0.38 -2.32
C TYR D 182 38.14 -0.47 -2.60
N THR D 183 38.72 -1.54 -2.07
CA THR D 183 40.13 -1.86 -2.29
C THR D 183 40.28 -3.37 -2.44
N LEU D 184 41.15 -3.75 -3.36
CA LEU D 184 41.42 -5.14 -3.61
C LEU D 184 42.84 -5.24 -4.13
N SER D 185 43.37 -6.45 -4.10
CA SER D 185 44.63 -6.78 -4.75
C SER D 185 44.46 -8.06 -5.56
N SER D 186 45.38 -8.21 -6.51
CA SER D 186 45.50 -9.37 -7.35
C SER D 186 46.94 -9.79 -7.27
N SER D 187 47.16 -11.09 -7.18
CA SER D 187 48.48 -11.64 -7.24
C SER D 187 48.64 -12.52 -8.47
N VAL D 188 49.87 -12.58 -8.99
CA VAL D 188 50.21 -13.51 -10.05
C VAL D 188 51.55 -14.16 -9.72
N THR D 189 51.67 -15.45 -9.98
CA THR D 189 52.90 -16.17 -9.71
C THR D 189 53.46 -16.71 -11.02
N VAL D 190 54.73 -16.42 -11.26
CA VAL D 190 55.33 -16.70 -12.54
C VAL D 190 56.72 -17.27 -12.28
N PRO D 191 57.27 -18.01 -13.23
CA PRO D 191 58.63 -18.45 -12.99
C PRO D 191 59.61 -17.28 -12.96
N SER D 192 60.65 -17.46 -12.15
CA SER D 192 61.78 -16.54 -12.07
C SER D 192 62.39 -16.21 -13.42
N SER D 193 62.29 -17.17 -14.34
CA SER D 193 62.79 -17.00 -15.69
C SER D 193 61.95 -16.11 -16.60
N THR D 194 60.72 -15.80 -16.16
CA THR D 194 59.75 -14.94 -16.86
C THR D 194 59.86 -13.48 -16.43
N TRP D 195 60.10 -13.24 -15.15
CA TRP D 195 60.16 -11.89 -14.63
C TRP D 195 61.42 -11.73 -13.81
N PRO D 196 62.13 -10.59 -13.93
CA PRO D 196 61.84 -9.41 -14.72
C PRO D 196 62.31 -9.45 -16.16
N SER D 197 62.77 -10.59 -16.69
CA SER D 197 63.31 -10.60 -18.05
C SER D 197 62.27 -10.34 -19.14
N GLU D 198 61.01 -10.58 -18.79
CA GLU D 198 59.87 -10.27 -19.62
C GLU D 198 58.93 -9.36 -18.82
N THR D 199 58.12 -8.59 -19.55
CA THR D 199 57.28 -7.60 -18.91
C THR D 199 56.03 -8.26 -18.36
N VAL D 200 55.65 -7.84 -17.16
CA VAL D 200 54.39 -8.27 -16.56
C VAL D 200 53.57 -7.03 -16.25
N THR D 201 52.34 -6.99 -16.78
CA THR D 201 51.46 -5.82 -16.64
C THR D 201 50.11 -6.32 -16.07
N CYS D 202 49.57 -5.60 -15.11
CA CYS D 202 48.21 -5.87 -14.69
C CYS D 202 47.27 -4.85 -15.30
N ASN D 203 46.13 -5.35 -15.73
CA ASN D 203 45.20 -4.55 -16.49
C ASN D 203 43.98 -4.48 -15.63
N VAL D 204 43.56 -3.27 -15.29
CA VAL D 204 42.40 -3.11 -14.41
C VAL D 204 41.27 -2.37 -15.14
N ALA D 205 40.08 -2.97 -15.18
CA ALA D 205 38.93 -2.31 -15.77
C ALA D 205 37.87 -2.04 -14.69
N HIS D 206 37.37 -0.81 -14.69
CA HIS D 206 36.26 -0.40 -13.85
C HIS D 206 35.12 0.08 -14.76
N PRO D 207 34.18 -0.83 -15.09
CA PRO D 207 33.04 -0.53 -15.97
C PRO D 207 32.26 0.74 -15.64
N ALA D 208 32.02 1.02 -14.36
CA ALA D 208 31.20 2.16 -14.02
C ALA D 208 31.79 3.48 -14.46
N SER D 209 33.12 3.56 -14.50
CA SER D 209 33.80 4.79 -14.91
C SER D 209 34.35 4.73 -16.33
N SER D 210 34.13 3.59 -17.01
CA SER D 210 34.58 3.28 -18.38
C SER D 210 36.09 3.38 -18.48
N THR D 211 36.77 3.07 -17.37
CA THR D 211 38.20 3.23 -17.34
C THR D 211 38.94 1.91 -17.46
N LYS D 212 40.07 1.99 -18.12
CA LYS D 212 41.01 0.91 -18.14
C LYS D 212 42.39 1.46 -17.79
N VAL D 213 43.06 0.79 -16.87
CA VAL D 213 44.40 1.18 -16.44
C VAL D 213 45.35 -0.02 -16.57
N ASP D 214 46.51 0.24 -17.15
CA ASP D 214 47.58 -0.75 -17.29
C ASP D 214 48.76 -0.33 -16.43
N LYS D 215 49.25 -1.22 -15.58
CA LYS D 215 50.41 -0.91 -14.75
C LYS D 215 51.47 -2.00 -14.89
N LYS D 216 52.66 -1.62 -15.33
CA LYS D 216 53.78 -2.57 -15.47
C LYS D 216 54.43 -2.82 -14.11
N ILE D 217 54.81 -4.05 -13.82
CA ILE D 217 55.46 -4.37 -12.55
C ILE D 217 56.94 -4.25 -12.85
N VAL D 218 57.57 -3.26 -12.25
CA VAL D 218 58.99 -2.96 -12.51
C VAL D 218 59.74 -3.44 -11.28
N PRO D 219 60.94 -4.00 -11.49
CA PRO D 219 61.75 -4.22 -10.31
C PRO D 219 61.98 -2.91 -9.56
N ARG D 220 61.76 -2.96 -8.25
CA ARG D 220 62.33 -1.98 -7.30
C ARG D 220 61.84 -2.30 -5.88
N GLU E 1 -27.09 -14.62 -4.51
CA GLU E 1 -26.62 -13.60 -3.51
C GLU E 1 -27.72 -13.23 -2.50
N LEU E 2 -27.33 -12.86 -1.29
CA LEU E 2 -28.28 -12.49 -0.24
C LEU E 2 -28.95 -11.14 -0.45
N GLN E 3 -30.28 -11.14 -0.42
CA GLN E 3 -31.07 -9.94 -0.61
C GLN E 3 -31.97 -9.71 0.59
N MET E 4 -31.87 -8.52 1.16
CA MET E 4 -32.65 -8.12 2.32
C MET E 4 -33.88 -7.33 1.87
N THR E 5 -35.06 -7.90 2.13
CA THR E 5 -36.32 -7.28 1.76
C THR E 5 -36.92 -6.67 3.04
N GLN E 6 -36.80 -5.34 3.18
CA GLN E 6 -37.43 -4.61 4.30
C GLN E 6 -38.84 -4.15 3.93
N SER E 7 -39.70 -4.07 4.96
CA SER E 7 -41.00 -3.43 4.85
C SER E 7 -41.42 -2.95 6.25
N PRO E 8 -42.24 -1.89 6.33
CA PRO E 8 -42.68 -1.11 5.19
C PRO E 8 -41.57 -0.18 4.73
N ALA E 9 -41.63 0.29 3.50
CA ALA E 9 -40.68 1.30 3.03
C ALA E 9 -40.83 2.56 3.88
N SER E 10 -42.07 2.93 4.19
CA SER E 10 -42.32 3.99 5.14
C SER E 10 -43.42 3.59 6.12
N LEU E 11 -43.25 4.00 7.37
CA LEU E 11 -44.24 3.77 8.41
C LEU E 11 -44.44 5.09 9.13
N SER E 12 -45.70 5.43 9.34
CA SER E 12 -46.07 6.64 10.05
C SER E 12 -46.51 6.24 11.44
N ALA E 13 -46.00 6.93 12.45
CA ALA E 13 -46.40 6.64 13.81
C ALA E 13 -46.39 7.91 14.67
N SER E 14 -46.68 7.68 15.95
CA SER E 14 -46.76 8.73 16.92
C SER E 14 -45.84 8.35 18.08
N VAL E 15 -45.44 9.37 18.83
CA VAL E 15 -44.66 9.16 20.05
C VAL E 15 -45.50 8.31 21.00
N GLY E 16 -44.85 7.35 21.67
CA GLY E 16 -45.50 6.38 22.54
C GLY E 16 -46.18 5.22 21.83
N GLU E 17 -46.09 5.17 20.50
CA GLU E 17 -46.59 4.01 19.75
C GLU E 17 -45.52 2.91 19.71
N THR E 18 -45.93 1.66 19.52
CA THR E 18 -45.00 0.56 19.33
C THR E 18 -45.04 0.16 17.87
N VAL E 19 -43.90 0.23 17.20
CA VAL E 19 -43.79 -0.11 15.79
C VAL E 19 -42.88 -1.32 15.60
N THR E 20 -43.08 -2.02 14.48
CA THR E 20 -42.30 -3.19 14.12
C THR E 20 -41.93 -3.10 12.64
N ILE E 21 -40.63 -3.09 12.40
CA ILE E 21 -40.04 -3.07 11.06
C ILE E 21 -39.68 -4.51 10.80
N THR E 22 -40.03 -5.01 9.61
CA THR E 22 -39.64 -6.37 9.24
C THR E 22 -38.51 -6.37 8.22
N CYS E 23 -37.71 -7.42 8.28
CA CYS E 23 -36.65 -7.66 7.34
C CYS E 23 -36.63 -9.16 7.00
N ARG E 24 -36.79 -9.47 5.71
CA ARG E 24 -36.72 -10.86 5.22
C ARG E 24 -35.44 -11.10 4.39
N ALA E 25 -34.97 -12.36 4.38
CA ALA E 25 -33.73 -12.75 3.71
C ALA E 25 -33.98 -13.79 2.61
N SER E 26 -33.34 -13.61 1.45
CA SER E 26 -33.42 -14.56 0.32
C SER E 26 -33.25 -16.02 0.74
N GLU E 27 -32.30 -16.24 1.65
CA GLU E 27 -32.01 -17.56 2.24
C GLU E 27 -32.07 -17.43 3.76
N ASN E 28 -31.91 -18.56 4.45
CA ASN E 28 -31.62 -18.57 5.89
C ASN E 28 -30.29 -17.91 6.17
N ILE E 29 -30.26 -17.04 7.17
CA ILE E 29 -29.03 -16.35 7.63
C ILE E 29 -28.82 -16.57 9.13
N TYR E 30 -29.39 -17.64 9.67
CA TYR E 30 -29.33 -17.95 11.10
C TYR E 30 -29.73 -16.75 11.95
N SER E 31 -28.87 -16.37 12.93
CA SER E 31 -29.10 -15.20 13.76
C SER E 31 -28.38 -13.93 13.25
N TYR E 32 -27.72 -14.04 12.11
CA TYR E 32 -26.73 -13.01 11.70
C TYR E 32 -27.33 -11.81 11.00
N LEU E 33 -28.13 -11.05 11.74
CA LEU E 33 -28.80 -9.86 11.20
C LEU E 33 -28.55 -8.69 12.11
N ALA E 34 -28.18 -7.56 11.51
CA ALA E 34 -27.89 -6.34 12.24
C ALA E 34 -28.85 -5.20 11.85
N TRP E 35 -29.05 -4.25 12.76
CA TRP E 35 -29.94 -3.14 12.52
C TRP E 35 -29.21 -1.84 12.78
N TYR E 36 -29.38 -0.89 11.87
CA TYR E 36 -28.79 0.43 11.98
C TYR E 36 -29.86 1.49 11.91
N GLN E 37 -29.67 2.55 12.68
CA GLN E 37 -30.49 3.73 12.54
C GLN E 37 -29.68 4.76 11.78
N GLN E 38 -30.34 5.57 10.97
CA GLN E 38 -29.70 6.73 10.36
C GLN E 38 -30.67 7.90 10.37
N LYS E 39 -30.25 8.99 10.97
CA LYS E 39 -31.08 10.15 11.09
C LYS E 39 -30.63 11.09 10.01
N GLN E 40 -31.58 11.88 9.49
CA GLN E 40 -31.28 12.72 8.33
C GLN E 40 -30.05 13.56 8.61
N GLY E 41 -29.09 13.48 7.70
CA GLY E 41 -27.87 14.27 7.76
C GLY E 41 -26.74 13.65 8.59
N LYS E 42 -26.86 12.36 8.91
CA LYS E 42 -25.96 11.76 9.89
C LYS E 42 -25.46 10.41 9.39
N SER E 43 -24.34 9.99 9.97
CA SER E 43 -23.84 8.62 9.85
C SER E 43 -24.78 7.61 10.51
N PRO E 44 -24.87 6.40 9.95
CA PRO E 44 -25.62 5.39 10.69
C PRO E 44 -24.96 5.03 12.01
N GLN E 45 -25.75 4.37 12.87
CA GLN E 45 -25.32 3.87 14.16
C GLN E 45 -25.93 2.49 14.32
N LEU E 46 -25.14 1.59 14.86
CA LEU E 46 -25.58 0.22 15.10
C LEU E 46 -26.55 0.15 16.25
N LEU E 47 -27.65 -0.57 16.06
CA LEU E 47 -28.61 -0.81 17.13
C LEU E 47 -28.53 -2.20 17.72
N VAL E 48 -28.52 -3.18 16.82
CA VAL E 48 -28.61 -4.58 17.15
C VAL E 48 -27.72 -5.38 16.24
N TYR E 49 -27.00 -6.33 16.82
CA TYR E 49 -26.26 -7.33 16.05
C TYR E 49 -26.65 -8.70 16.54
N ASN E 50 -26.42 -9.70 15.72
CA ASN E 50 -26.80 -11.08 16.03
C ASN E 50 -28.29 -11.24 16.33
N ALA E 51 -29.10 -10.52 15.57
CA ALA E 51 -30.57 -10.50 15.68
C ALA E 51 -31.16 -9.84 16.94
N LYS E 52 -30.61 -10.12 18.11
CA LYS E 52 -31.22 -9.69 19.38
C LYS E 52 -30.32 -8.90 20.36
N THR E 53 -29.02 -8.82 20.13
CA THR E 53 -28.12 -8.13 21.07
C THR E 53 -28.01 -6.63 20.81
N LEU E 54 -28.37 -5.83 21.81
CA LEU E 54 -28.16 -4.40 21.72
C LEU E 54 -26.67 -4.04 21.72
N ALA E 55 -26.33 -3.07 20.88
CA ALA E 55 -24.98 -2.52 20.83
C ALA E 55 -24.79 -1.58 22.01
N GLU E 56 -23.56 -1.23 22.35
CA GLU E 56 -23.35 -0.48 23.58
C GLU E 56 -23.94 0.90 23.41
N GLY E 57 -24.72 1.34 24.41
CA GLY E 57 -25.39 2.63 24.39
C GLY E 57 -26.85 2.56 23.99
N VAL E 58 -27.22 1.59 23.18
CA VAL E 58 -28.57 1.52 22.61
C VAL E 58 -29.64 1.33 23.68
N PRO E 59 -30.62 2.25 23.78
CA PRO E 59 -31.70 2.11 24.77
C PRO E 59 -32.50 0.81 24.62
N SER E 60 -32.99 0.29 25.75
CA SER E 60 -33.67 -1.01 25.79
C SER E 60 -35.10 -0.99 25.23
N ARG E 61 -35.56 0.17 24.76
CA ARG E 61 -36.84 0.22 24.05
C ARG E 61 -36.70 -0.39 22.66
N PHE E 62 -35.47 -0.41 22.13
CA PHE E 62 -35.16 -1.14 20.93
C PHE E 62 -34.93 -2.60 21.27
N SER E 63 -35.53 -3.48 20.48
CA SER E 63 -35.35 -4.90 20.65
C SER E 63 -35.43 -5.53 19.28
N GLY E 64 -34.65 -6.58 19.07
CA GLY E 64 -34.66 -7.31 17.81
C GLY E 64 -34.96 -8.77 18.07
N SER E 65 -35.64 -9.39 17.12
CA SER E 65 -36.02 -10.79 17.19
C SER E 65 -35.91 -11.42 15.83
N GLY E 66 -36.03 -12.74 15.79
CA GLY E 66 -36.11 -13.47 14.53
C GLY E 66 -34.98 -14.46 14.35
N SER E 67 -35.03 -15.16 13.24
CA SER E 67 -34.07 -16.21 12.91
C SER E 67 -34.47 -16.76 11.56
N GLY E 68 -33.50 -17.29 10.81
CA GLY E 68 -33.82 -17.97 9.56
C GLY E 68 -33.96 -16.97 8.45
N THR E 69 -35.19 -16.79 7.95
CA THR E 69 -35.45 -15.81 6.90
C THR E 69 -36.18 -14.55 7.39
N GLN E 70 -36.79 -14.61 8.58
CA GLN E 70 -37.69 -13.53 9.04
C GLN E 70 -37.23 -12.89 10.34
N PHE E 71 -37.11 -11.56 10.33
CA PHE E 71 -36.53 -10.80 11.46
C PHE E 71 -37.37 -9.56 11.69
N SER E 72 -37.31 -9.01 12.91
CA SER E 72 -37.99 -7.76 13.22
C SER E 72 -37.29 -6.92 14.28
N LEU E 73 -37.48 -5.60 14.16
CA LEU E 73 -36.94 -4.60 15.10
C LEU E 73 -38.15 -3.90 15.69
N LYS E 74 -38.33 -4.05 17.00
CA LYS E 74 -39.44 -3.41 17.70
C LYS E 74 -38.91 -2.17 18.42
N ILE E 75 -39.64 -1.07 18.33
CA ILE E 75 -39.31 0.10 19.16
C ILE E 75 -40.50 0.32 20.07
N ASN E 76 -40.34 -0.12 21.32
CA ASN E 76 -41.42 -0.08 22.33
C ASN E 76 -41.68 1.36 22.80
N SER E 77 -42.79 1.95 22.36
CA SER E 77 -43.12 3.35 22.66
C SER E 77 -42.07 4.31 22.09
N LEU E 78 -42.33 4.82 20.88
CA LEU E 78 -41.43 5.76 20.16
C LEU E 78 -41.14 7.03 20.95
N GLN E 79 -39.89 7.48 20.92
CA GLN E 79 -39.50 8.79 21.44
C GLN E 79 -39.18 9.73 20.25
N PRO E 80 -39.28 11.07 20.46
CA PRO E 80 -39.04 12.07 19.41
C PRO E 80 -37.78 11.89 18.57
N GLU E 81 -36.70 11.39 19.16
CA GLU E 81 -35.46 11.15 18.40
C GLU E 81 -35.42 9.85 17.59
N ASP E 82 -36.49 9.08 17.60
CA ASP E 82 -36.53 7.78 16.92
C ASP E 82 -36.95 7.89 15.48
N PHE E 83 -37.46 9.03 15.06
CA PHE E 83 -37.85 9.17 13.68
C PHE E 83 -36.57 9.33 12.84
N GLY E 84 -36.49 8.50 11.81
CA GLY E 84 -35.41 8.53 10.83
C GLY E 84 -35.50 7.26 10.03
N SER E 85 -34.38 6.85 9.44
CA SER E 85 -34.36 5.61 8.69
C SER E 85 -33.71 4.48 9.48
N TYR E 86 -34.14 3.28 9.14
CA TYR E 86 -33.67 2.06 9.75
C TYR E 86 -33.31 1.08 8.65
N TYR E 87 -32.10 0.52 8.73
CA TYR E 87 -31.71 -0.50 7.77
C TYR E 87 -31.31 -1.77 8.50
N CYS E 88 -31.72 -2.89 7.93
CA CYS E 88 -31.18 -4.17 8.32
C CYS E 88 -30.01 -4.48 7.39
N GLN E 89 -29.16 -5.38 7.86
CA GLN E 89 -28.00 -5.85 7.14
C GLN E 89 -27.58 -7.20 7.71
N HIS E 90 -27.42 -8.19 6.85
CA HIS E 90 -26.99 -9.52 7.29
C HIS E 90 -25.50 -9.50 7.51
N HIS E 91 -25.03 -10.29 8.49
CA HIS E 91 -23.60 -10.48 8.68
C HIS E 91 -23.26 -11.97 8.54
N TYR E 92 -23.80 -12.58 7.50
CA TYR E 92 -23.60 -13.99 7.17
C TYR E 92 -22.70 -14.13 5.94
N GLY E 93 -21.40 -13.98 6.15
CA GLY E 93 -20.43 -13.97 5.06
C GLY E 93 -20.53 -12.74 4.19
N THR E 94 -20.02 -12.87 2.97
CA THR E 94 -20.00 -11.78 2.00
C THR E 94 -20.63 -12.29 0.72
N PRO E 95 -21.08 -11.38 -0.17
CA PRO E 95 -21.08 -9.94 0.00
C PRO E 95 -22.10 -9.48 1.04
N LEU E 96 -21.77 -8.42 1.77
CA LEU E 96 -22.70 -7.80 2.70
C LEU E 96 -23.71 -7.00 1.93
N THR E 97 -24.96 -7.10 2.35
CA THR E 97 -26.02 -6.38 1.72
C THR E 97 -26.95 -5.82 2.79
N PHE E 98 -27.44 -4.63 2.53
CA PHE E 98 -28.40 -3.92 3.36
C PHE E 98 -29.80 -4.04 2.78
N GLY E 99 -30.80 -4.04 3.66
CA GLY E 99 -32.16 -3.85 3.23
C GLY E 99 -32.26 -2.47 2.60
N ALA E 100 -33.35 -2.23 1.88
CA ALA E 100 -33.58 -0.95 1.23
C ALA E 100 -34.00 0.14 2.21
N GLY E 101 -34.29 -0.21 3.46
CA GLY E 101 -34.63 0.78 4.46
C GLY E 101 -36.11 1.01 4.71
N THR E 102 -36.40 1.36 5.97
CA THR E 102 -37.72 1.79 6.39
C THR E 102 -37.57 3.20 6.93
N LYS E 103 -38.31 4.14 6.35
CA LYS E 103 -38.31 5.51 6.83
C LYS E 103 -39.47 5.69 7.80
N LEU E 104 -39.14 5.97 9.06
CA LEU E 104 -40.12 6.15 10.11
C LEU E 104 -40.39 7.64 10.28
N GLU E 105 -41.60 8.06 9.90
CA GLU E 105 -42.00 9.47 9.99
C GLU E 105 -43.15 9.73 10.99
N LEU E 106 -43.20 10.99 11.44
CA LEU E 106 -44.09 11.42 12.52
C LEU E 106 -45.51 11.75 12.00
N LYS E 107 -46.50 11.14 12.63
CA LYS E 107 -47.93 11.37 12.34
C LYS E 107 -48.40 12.77 12.74
N ARG E 108 -49.15 13.41 11.85
CA ARG E 108 -49.90 14.64 12.20
C ARG E 108 -51.31 14.65 11.56
N ALA E 109 -52.01 15.80 11.66
CA ALA E 109 -53.29 15.91 10.95
C ALA E 109 -52.98 16.21 9.49
N ASP E 110 -53.84 15.74 8.58
CA ASP E 110 -53.69 16.08 7.16
C ASP E 110 -53.71 17.60 6.95
N ALA E 111 -52.88 18.07 6.02
CA ALA E 111 -52.88 19.46 5.55
C ALA E 111 -52.78 19.48 4.03
N ALA E 112 -53.68 20.22 3.39
CA ALA E 112 -53.57 20.51 1.97
C ALA E 112 -52.35 21.42 1.73
N PRO E 113 -51.67 21.26 0.58
CA PRO E 113 -50.56 22.15 0.34
C PRO E 113 -51.04 23.58 0.13
N THR E 114 -50.20 24.53 0.48
CA THR E 114 -50.37 25.90 0.01
C THR E 114 -49.60 26.04 -1.30
N VAL E 115 -50.34 26.19 -2.41
CA VAL E 115 -49.73 26.23 -3.76
C VAL E 115 -49.58 27.67 -4.26
N SER E 116 -48.43 27.97 -4.85
CA SER E 116 -48.09 29.33 -5.33
C SER E 116 -47.32 29.22 -6.63
N ILE E 117 -47.74 29.97 -7.65
CA ILE E 117 -47.06 29.94 -8.94
C ILE E 117 -46.43 31.31 -9.25
N PHE E 118 -45.27 31.30 -9.90
CA PHE E 118 -44.51 32.52 -10.24
C PHE E 118 -44.07 32.47 -11.70
N PRO E 119 -44.35 33.55 -12.47
CA PRO E 119 -43.81 33.64 -13.82
C PRO E 119 -42.31 33.96 -13.82
N PRO E 120 -41.67 33.77 -14.98
CA PRO E 120 -40.29 34.21 -15.09
C PRO E 120 -40.15 35.70 -14.75
N SER E 121 -39.01 36.06 -14.18
CA SER E 121 -38.67 37.43 -13.88
C SER E 121 -38.18 38.14 -15.13
N SER E 122 -38.23 39.47 -15.13
CA SER E 122 -37.69 40.22 -16.22
C SER E 122 -36.18 39.96 -16.32
N GLU E 123 -35.53 39.73 -15.20
CA GLU E 123 -34.09 39.54 -15.16
C GLU E 123 -33.73 38.28 -15.95
N GLN E 124 -34.45 37.19 -15.68
CA GLN E 124 -34.18 35.94 -16.39
C GLN E 124 -34.50 36.07 -17.88
N LEU E 125 -35.64 36.65 -18.20
CA LEU E 125 -36.08 36.79 -19.60
C LEU E 125 -35.09 37.60 -20.44
N THR E 126 -34.52 38.63 -19.84
CA THR E 126 -33.42 39.40 -20.46
C THR E 126 -32.22 38.52 -20.87
N SER E 127 -31.97 37.47 -20.09
CA SER E 127 -30.86 36.55 -20.36
C SER E 127 -31.27 35.38 -21.28
N GLY E 128 -32.53 35.36 -21.71
CA GLY E 128 -32.97 34.35 -22.65
C GLY E 128 -33.59 33.11 -22.06
N GLY E 129 -33.84 33.14 -20.76
CA GLY E 129 -34.43 32.04 -20.00
C GLY E 129 -35.80 32.39 -19.45
N ALA E 130 -36.56 31.35 -19.09
CA ALA E 130 -37.88 31.48 -18.50
C ALA E 130 -38.20 30.29 -17.63
N SER E 131 -38.03 30.41 -16.32
CA SER E 131 -38.39 29.35 -15.37
C SER E 131 -39.68 29.73 -14.69
N VAL E 132 -40.62 28.78 -14.62
CA VAL E 132 -41.89 28.97 -13.95
C VAL E 132 -41.80 28.11 -12.69
N VAL E 133 -42.05 28.72 -11.54
CA VAL E 133 -41.85 28.08 -10.27
C VAL E 133 -43.17 27.89 -9.59
N CYS E 134 -43.38 26.67 -9.09
CA CYS E 134 -44.51 26.34 -8.27
C CYS E 134 -44.04 25.85 -6.89
N PHE E 135 -44.47 26.50 -5.80
CA PHE E 135 -44.19 25.99 -4.45
C PHE E 135 -45.44 25.30 -3.91
N LEU E 136 -45.27 24.06 -3.43
CA LEU E 136 -46.33 23.38 -2.71
C LEU E 136 -45.87 23.14 -1.28
N ASN E 137 -46.36 24.00 -0.38
CA ASN E 137 -45.83 24.10 0.97
C ASN E 137 -46.74 23.55 2.08
N ASN E 138 -46.12 22.85 3.03
CA ASN E 138 -46.74 22.42 4.30
C ASN E 138 -47.93 21.51 4.12
N PHE E 139 -47.75 20.48 3.31
CA PHE E 139 -48.78 19.47 3.15
C PHE E 139 -48.41 18.24 3.97
N TYR E 140 -49.41 17.39 4.17
CA TYR E 140 -49.25 16.13 4.86
C TYR E 140 -50.44 15.19 4.54
N PRO E 141 -50.19 13.90 4.22
CA PRO E 141 -48.90 13.18 4.16
C PRO E 141 -48.04 13.53 2.95
N LYS E 142 -46.89 12.88 2.84
CA LYS E 142 -45.85 13.23 1.87
C LYS E 142 -46.20 13.03 0.41
N ASP E 143 -47.08 12.08 0.15
CA ASP E 143 -47.36 11.65 -1.21
C ASP E 143 -48.09 12.73 -1.94
N ILE E 144 -47.53 13.15 -3.07
CA ILE E 144 -48.13 14.22 -3.83
C ILE E 144 -47.70 14.09 -5.28
N ASN E 145 -48.48 14.65 -6.18
CA ASN E 145 -48.12 14.68 -7.58
C ASN E 145 -48.36 16.07 -8.12
N VAL E 146 -47.38 16.60 -8.85
CA VAL E 146 -47.54 17.86 -9.55
C VAL E 146 -47.56 17.57 -11.04
N LYS E 147 -48.49 18.20 -11.73
CA LYS E 147 -48.51 18.15 -13.19
C LYS E 147 -48.47 19.58 -13.70
N TRP E 148 -47.70 19.79 -14.76
CA TRP E 148 -47.66 21.10 -15.41
C TRP E 148 -48.52 21.01 -16.64
N LYS E 149 -49.28 22.07 -16.90
CA LYS E 149 -49.88 22.22 -18.21
C LYS E 149 -49.48 23.57 -18.82
N ILE E 150 -49.33 23.57 -20.14
CA ILE E 150 -49.07 24.78 -20.91
C ILE E 150 -50.16 24.85 -21.96
N ASP E 151 -50.99 25.89 -21.89
CA ASP E 151 -52.18 26.00 -22.74
C ASP E 151 -53.05 24.72 -22.70
N GLY E 152 -53.22 24.18 -21.49
CA GLY E 152 -54.01 22.96 -21.29
C GLY E 152 -53.36 21.67 -21.76
N SER E 153 -52.16 21.76 -22.33
CA SER E 153 -51.35 20.61 -22.69
C SER E 153 -50.46 20.26 -21.50
N GLU E 154 -50.41 18.98 -21.13
CA GLU E 154 -49.52 18.51 -20.09
C GLU E 154 -48.07 18.64 -20.58
N ARG E 155 -47.18 18.95 -19.65
CA ARG E 155 -45.77 19.17 -19.97
C ARG E 155 -44.88 18.49 -18.93
N GLN E 156 -43.99 17.61 -19.40
CA GLN E 156 -43.10 16.87 -18.50
C GLN E 156 -41.63 17.25 -18.66
N ASN E 157 -41.24 17.60 -19.88
CA ASN E 157 -39.88 18.06 -20.17
C ASN E 157 -39.58 19.43 -19.57
N GLY E 158 -38.37 19.61 -19.03
CA GLY E 158 -37.98 20.91 -18.43
C GLY E 158 -38.39 21.13 -16.99
N VAL E 159 -39.01 20.11 -16.39
CA VAL E 159 -39.49 20.15 -15.04
C VAL E 159 -38.47 19.52 -14.07
N LEU E 160 -38.17 20.22 -12.99
CA LEU E 160 -37.33 19.68 -11.94
C LEU E 160 -37.98 19.96 -10.61
N ASN E 161 -38.10 18.89 -9.82
CA ASN E 161 -38.74 18.92 -8.52
C ASN E 161 -37.71 18.75 -7.42
N SER E 162 -38.01 19.32 -6.27
CA SER E 162 -37.21 19.13 -5.07
C SER E 162 -38.13 19.08 -3.87
N TRP E 163 -37.85 18.17 -2.93
CA TRP E 163 -38.71 18.02 -1.76
C TRP E 163 -37.89 18.21 -0.51
N THR E 164 -38.45 18.90 0.49
CA THR E 164 -37.84 18.89 1.83
C THR E 164 -38.19 17.62 2.60
N ASP E 165 -37.36 17.33 3.59
CA ASP E 165 -37.63 16.27 4.56
C ASP E 165 -38.75 16.73 5.51
N GLN E 166 -39.45 15.78 6.14
CA GLN E 166 -40.47 16.16 7.14
C GLN E 166 -39.89 17.23 8.06
N ASP E 167 -40.64 18.31 8.25
CA ASP E 167 -40.16 19.38 9.10
C ASP E 167 -40.20 18.92 10.55
N SER E 168 -39.20 19.35 11.32
CA SER E 168 -39.02 18.89 12.71
C SER E 168 -40.04 19.52 13.68
N LYS E 169 -40.40 20.77 13.42
CA LYS E 169 -41.36 21.50 14.28
C LYS E 169 -42.79 21.09 13.94
N ASP E 170 -43.20 21.31 12.69
CA ASP E 170 -44.61 21.18 12.30
C ASP E 170 -44.98 19.89 11.58
N SER E 171 -43.98 19.07 11.25
CA SER E 171 -44.20 17.72 10.70
C SER E 171 -44.80 17.70 9.29
N THR E 172 -44.71 18.82 8.58
CA THR E 172 -45.17 18.85 7.22
C THR E 172 -44.02 18.64 6.23
N TYR E 173 -44.41 18.47 4.97
CA TYR E 173 -43.50 18.38 3.86
C TYR E 173 -43.77 19.55 2.93
N SER E 174 -42.77 19.91 2.18
CA SER E 174 -42.89 20.94 1.14
C SER E 174 -42.19 20.46 -0.13
N MET E 175 -42.49 21.14 -1.23
CA MET E 175 -41.98 20.76 -2.55
C MET E 175 -41.92 22.00 -3.44
N SER E 176 -40.88 22.09 -4.25
CA SER E 176 -40.82 23.06 -5.33
C SER E 176 -40.81 22.28 -6.63
N SER E 177 -41.51 22.81 -7.63
CA SER E 177 -41.51 22.24 -8.97
C SER E 177 -41.20 23.39 -9.92
N THR E 178 -40.20 23.23 -10.77
CA THR E 178 -39.74 24.29 -11.64
C THR E 178 -39.72 23.83 -13.08
N LEU E 179 -40.50 24.49 -13.94
CA LEU E 179 -40.51 24.28 -15.38
C LEU E 179 -39.60 25.30 -16.01
N THR E 180 -38.48 24.85 -16.61
CA THR E 180 -37.56 25.75 -17.28
C THR E 180 -37.66 25.60 -18.80
N LEU E 181 -37.87 26.75 -19.44
CA LEU E 181 -38.01 26.90 -20.86
C LEU E 181 -37.04 27.99 -21.30
N THR E 182 -36.95 28.20 -22.60
CA THR E 182 -36.23 29.37 -23.10
C THR E 182 -37.24 30.50 -23.20
N LYS E 183 -36.76 31.74 -23.29
CA LYS E 183 -37.65 32.85 -23.51
C LYS E 183 -38.54 32.60 -24.75
N ASP E 184 -37.92 32.14 -25.84
CA ASP E 184 -38.68 31.91 -27.07
C ASP E 184 -39.80 30.90 -26.90
N GLU E 185 -39.49 29.77 -26.29
CA GLU E 185 -40.50 28.76 -25.99
C GLU E 185 -41.63 29.30 -25.12
N TYR E 186 -41.22 30.00 -24.06
CA TYR E 186 -42.16 30.61 -23.11
C TYR E 186 -43.16 31.54 -23.79
N GLU E 187 -42.68 32.31 -24.76
CA GLU E 187 -43.48 33.33 -25.43
C GLU E 187 -44.35 32.79 -26.55
N ARG E 188 -44.35 31.47 -26.74
CA ARG E 188 -45.28 30.86 -27.68
C ARG E 188 -46.59 30.47 -27.05
N HIS E 189 -46.67 30.50 -25.72
CA HIS E 189 -47.85 30.05 -25.01
C HIS E 189 -48.38 31.14 -24.07
N ASN E 190 -49.64 31.04 -23.69
CA ASN E 190 -50.25 32.03 -22.82
C ASN E 190 -50.43 31.52 -21.39
N SER E 191 -51.07 30.37 -21.28
CA SER E 191 -51.49 29.84 -20.00
C SER E 191 -50.48 28.83 -19.46
N TYR E 192 -50.02 29.07 -18.23
CA TYR E 192 -49.13 28.17 -17.48
C TYR E 192 -49.81 27.75 -16.17
N THR E 193 -49.87 26.44 -15.94
CA THR E 193 -50.64 25.87 -14.86
C THR E 193 -49.83 24.84 -14.07
N CYS E 194 -49.88 24.99 -12.76
CA CYS E 194 -49.30 24.05 -11.83
C CYS E 194 -50.48 23.39 -11.13
N GLU E 195 -50.61 22.08 -11.27
CA GLU E 195 -51.73 21.34 -10.71
C GLU E 195 -51.23 20.25 -9.76
N ALA E 196 -51.68 20.32 -8.51
CA ALA E 196 -51.26 19.40 -7.45
C ALA E 196 -52.36 18.40 -7.10
N THR E 197 -52.04 17.11 -7.15
CA THR E 197 -52.92 16.05 -6.66
C THR E 197 -52.40 15.51 -5.31
N HIS E 198 -53.28 15.52 -4.31
CA HIS E 198 -52.96 15.13 -2.93
C HIS E 198 -54.19 14.47 -2.27
N LYS E 199 -53.96 13.62 -1.26
CA LYS E 199 -55.05 12.93 -0.52
C LYS E 199 -56.17 13.87 -0.05
N THR E 200 -55.80 15.04 0.46
CA THR E 200 -56.74 15.96 1.15
C THR E 200 -57.89 16.53 0.32
N SER E 201 -57.89 16.27 -0.99
CA SER E 201 -59.03 16.66 -1.82
C SER E 201 -59.02 15.83 -3.09
N THR E 202 -60.20 15.35 -3.47
CA THR E 202 -60.34 14.57 -4.71
C THR E 202 -60.03 15.47 -5.92
N SER E 203 -60.36 16.75 -5.80
CA SER E 203 -60.02 17.73 -6.83
C SER E 203 -58.60 18.24 -6.58
N PRO E 204 -57.78 18.34 -7.66
CA PRO E 204 -56.45 18.90 -7.51
C PRO E 204 -56.46 20.42 -7.35
N ILE E 205 -55.52 20.94 -6.57
CA ILE E 205 -55.33 22.38 -6.45
C ILE E 205 -54.62 22.87 -7.71
N VAL E 206 -55.25 23.83 -8.39
CA VAL E 206 -54.76 24.38 -9.64
C VAL E 206 -54.38 25.85 -9.40
N LYS E 207 -53.16 26.19 -9.78
CA LYS E 207 -52.71 27.60 -9.83
C LYS E 207 -52.23 27.88 -11.25
N SER E 208 -52.65 28.99 -11.81
CA SER E 208 -52.30 29.35 -13.15
C SER E 208 -52.00 30.83 -13.25
N PHE E 209 -51.30 31.21 -14.31
CA PHE E 209 -51.26 32.60 -14.75
C PHE E 209 -51.23 32.66 -16.28
N ASN E 210 -51.70 33.77 -16.85
CA ASN E 210 -51.57 34.01 -18.29
C ASN E 210 -50.44 35.01 -18.54
N ARG E 211 -49.48 34.61 -19.37
CA ARG E 211 -48.42 35.52 -19.83
C ARG E 211 -49.01 36.82 -20.38
N ASN E 212 -49.85 36.74 -21.42
CA ASN E 212 -50.48 37.94 -21.99
C ASN E 212 -51.56 38.47 -21.05
N GLU E 213 -51.17 38.77 -19.81
CA GLU E 213 -52.08 39.35 -18.80
C GLU E 213 -51.29 40.18 -17.80
N GLN F 1 -12.88 5.45 23.77
CA GLN F 1 -13.96 6.00 22.87
C GLN F 1 -13.57 5.88 21.38
N VAL F 2 -14.25 5.02 20.65
CA VAL F 2 -13.93 4.73 19.25
C VAL F 2 -14.21 5.96 18.36
N LYS F 3 -13.23 6.33 17.54
CA LYS F 3 -13.34 7.48 16.66
C LYS F 3 -12.70 7.19 15.31
N LEU F 4 -13.40 7.53 14.25
CA LEU F 4 -12.89 7.42 12.90
C LEU F 4 -13.01 8.77 12.26
N LEU F 5 -11.86 9.42 12.07
CA LEU F 5 -11.83 10.68 11.40
C LEU F 5 -11.54 10.50 9.92
N GLU F 6 -12.47 10.97 9.11
CA GLU F 6 -12.38 10.85 7.65
C GLU F 6 -11.79 12.10 7.02
N SER F 7 -11.05 11.95 5.92
CA SER F 7 -10.54 13.11 5.18
C SER F 7 -11.73 13.89 4.63
N GLY F 8 -11.48 15.14 4.28
CA GLY F 8 -12.52 16.09 3.88
C GLY F 8 -13.07 15.84 2.49
N PRO F 9 -14.03 16.71 2.05
CA PRO F 9 -14.78 16.56 0.81
C PRO F 9 -13.94 16.71 -0.43
N GLU F 10 -14.32 16.02 -1.48
CA GLU F 10 -13.52 15.98 -2.67
C GLU F 10 -14.35 16.42 -3.86
N LEU F 11 -13.87 17.43 -4.57
CA LEU F 11 -14.34 17.79 -5.91
C LEU F 11 -13.29 17.31 -6.93
N VAL F 12 -13.66 16.31 -7.74
CA VAL F 12 -12.74 15.63 -8.65
C VAL F 12 -13.30 15.53 -10.11
N LYS F 13 -12.37 15.53 -11.07
CA LYS F 13 -12.74 15.56 -12.47
C LYS F 13 -13.02 14.12 -12.93
N PRO F 14 -13.99 13.96 -13.85
CA PRO F 14 -14.22 12.66 -14.48
C PRO F 14 -12.93 12.09 -15.07
N GLY F 15 -12.70 10.78 -14.85
CA GLY F 15 -11.53 10.11 -15.34
C GLY F 15 -10.39 10.11 -14.33
N ALA F 16 -10.47 10.98 -13.33
CA ALA F 16 -9.43 11.12 -12.33
C ALA F 16 -9.61 10.05 -11.26
N SER F 17 -8.67 10.04 -10.29
CA SER F 17 -8.80 9.19 -9.09
C SER F 17 -8.81 10.08 -7.86
N VAL F 18 -9.28 9.51 -6.77
CA VAL F 18 -9.27 10.18 -5.48
C VAL F 18 -8.93 9.14 -4.40
N LYS F 19 -8.18 9.54 -3.39
CA LYS F 19 -7.84 8.66 -2.29
C LYS F 19 -8.27 9.37 -1.02
N MET F 20 -9.09 8.70 -0.24
CA MET F 20 -9.58 9.25 1.00
C MET F 20 -9.09 8.38 2.16
N SER F 21 -9.16 8.94 3.35
CA SER F 21 -8.54 8.34 4.50
C SER F 21 -9.51 8.22 5.68
N CYS F 22 -9.18 7.29 6.58
CA CYS F 22 -9.95 7.08 7.76
C CYS F 22 -8.94 6.83 8.89
N LYS F 23 -8.70 7.84 9.73
CA LYS F 23 -7.79 7.69 10.86
C LYS F 23 -8.51 7.19 12.13
N ALA F 24 -8.07 6.02 12.62
CA ALA F 24 -8.72 5.34 13.74
C ALA F 24 -8.04 5.60 15.07
N SER F 25 -8.87 5.76 16.10
CA SER F 25 -8.39 5.95 17.47
C SER F 25 -9.41 5.38 18.47
N GLY F 26 -8.94 5.08 19.68
CA GLY F 26 -9.79 4.64 20.80
C GLY F 26 -9.96 3.13 20.87
N TYR F 27 -9.28 2.42 19.99
CA TYR F 27 -9.25 0.97 20.02
C TYR F 27 -7.99 0.49 19.27
N THR F 28 -7.72 -0.82 19.32
CA THR F 28 -6.57 -1.38 18.61
C THR F 28 -6.94 -1.55 17.14
N PHE F 29 -6.48 -0.60 16.33
CA PHE F 29 -6.75 -0.53 14.88
C PHE F 29 -6.57 -1.88 14.14
N THR F 30 -5.49 -2.58 14.44
CA THR F 30 -5.17 -3.87 13.80
C THR F 30 -6.10 -5.05 14.21
N SER F 31 -6.84 -4.90 15.31
CA SER F 31 -7.67 -5.98 15.84
C SER F 31 -9.03 -6.13 15.17
N TYR F 32 -9.39 -5.17 14.34
CA TYR F 32 -10.71 -5.13 13.72
C TYR F 32 -10.59 -4.79 12.25
N VAL F 33 -11.37 -5.46 11.41
CA VAL F 33 -11.36 -5.12 10.02
C VAL F 33 -11.96 -3.73 9.84
N MET F 34 -11.68 -3.11 8.70
CA MET F 34 -12.28 -1.84 8.41
C MET F 34 -13.05 -1.92 7.07
N HIS F 35 -14.34 -1.59 7.12
CA HIS F 35 -15.26 -1.63 5.98
C HIS F 35 -15.37 -0.27 5.36
N TRP F 36 -15.75 -0.28 4.07
CA TRP F 36 -16.16 0.93 3.38
C TRP F 36 -17.53 0.73 2.74
N VAL F 37 -18.34 1.79 2.78
CA VAL F 37 -19.75 1.79 2.40
C VAL F 37 -20.03 3.08 1.59
N LYS F 38 -20.80 2.90 0.52
CA LYS F 38 -21.25 3.99 -0.34
C LYS F 38 -22.72 4.33 -0.07
N GLN F 39 -22.99 5.62 -0.03
CA GLN F 39 -24.34 6.11 0.04
C GLN F 39 -24.52 7.36 -0.85
N LYS F 40 -25.25 7.17 -1.93
CA LYS F 40 -25.62 8.29 -2.77
C LYS F 40 -26.71 9.11 -2.07
N PRO F 41 -26.79 10.42 -2.39
CA PRO F 41 -27.78 11.30 -1.78
C PRO F 41 -29.18 10.68 -1.83
N GLY F 42 -29.83 10.59 -0.67
CA GLY F 42 -31.20 10.08 -0.61
C GLY F 42 -31.41 8.61 -0.92
N GLN F 43 -30.33 7.84 -1.04
CA GLN F 43 -30.45 6.41 -1.37
C GLN F 43 -29.93 5.56 -0.20
N GLY F 44 -29.93 4.24 -0.40
CA GLY F 44 -29.52 3.31 0.64
C GLY F 44 -28.02 3.07 0.68
N LEU F 45 -27.65 2.02 1.40
CA LEU F 45 -26.26 1.76 1.74
C LEU F 45 -25.72 0.60 0.94
N GLU F 46 -24.48 0.76 0.44
CA GLU F 46 -23.85 -0.19 -0.48
C GLU F 46 -22.44 -0.54 0.04
N TRP F 47 -22.23 -1.81 0.32
CA TRP F 47 -20.95 -2.28 0.84
C TRP F 47 -19.94 -2.42 -0.30
N ILE F 48 -18.77 -1.83 -0.07
CA ILE F 48 -17.69 -1.85 -1.03
C ILE F 48 -16.70 -2.95 -0.78
N GLY F 49 -16.30 -3.09 0.47
CA GLY F 49 -15.31 -4.06 0.89
C GLY F 49 -14.73 -3.77 2.26
N TYR F 50 -13.82 -4.63 2.67
CA TYR F 50 -13.05 -4.38 3.87
C TYR F 50 -11.59 -4.76 3.69
N ILE F 51 -10.81 -4.19 4.57
CA ILE F 51 -9.42 -4.55 4.77
C ILE F 51 -9.18 -4.98 6.21
N ASN F 52 -8.34 -5.99 6.38
CA ASN F 52 -7.86 -6.39 7.69
C ASN F 52 -6.50 -5.74 7.96
N PRO F 53 -6.46 -4.70 8.81
CA PRO F 53 -5.19 -3.98 8.97
C PRO F 53 -4.05 -4.80 9.59
N TYR F 54 -4.42 -5.89 10.27
CA TYR F 54 -3.44 -6.82 10.77
C TYR F 54 -2.56 -7.47 9.67
N ASN F 55 -3.15 -7.81 8.54
CA ASN F 55 -2.41 -8.49 7.48
C ASN F 55 -2.54 -7.93 6.07
N ASP F 56 -3.22 -6.78 5.95
CA ASP F 56 -3.43 -6.10 4.69
C ASP F 56 -4.37 -6.80 3.74
N GLY F 57 -5.01 -7.88 4.22
CA GLY F 57 -5.88 -8.71 3.41
C GLY F 57 -7.17 -7.98 3.16
N THR F 58 -7.62 -8.06 1.91
CA THR F 58 -8.83 -7.38 1.46
C THR F 58 -9.94 -8.38 1.02
N LYS F 59 -11.20 -7.95 1.19
CA LYS F 59 -12.35 -8.65 0.60
C LYS F 59 -13.23 -7.62 -0.05
N TYR F 60 -13.57 -7.80 -1.34
CA TYR F 60 -14.37 -6.82 -2.04
C TYR F 60 -15.75 -7.33 -2.45
N ASN F 61 -16.69 -6.40 -2.52
CA ASN F 61 -17.88 -6.51 -3.39
C ASN F 61 -17.36 -6.58 -4.84
N GLU F 62 -17.75 -7.61 -5.56
CA GLU F 62 -17.30 -7.80 -6.92
C GLU F 62 -17.54 -6.55 -7.77
N LYS F 63 -18.64 -5.85 -7.57
CA LYS F 63 -18.89 -4.64 -8.36
C LYS F 63 -17.78 -3.57 -8.24
N PHE F 64 -17.05 -3.52 -7.12
CA PHE F 64 -16.03 -2.47 -6.91
C PHE F 64 -14.59 -2.91 -7.18
N LYS F 65 -14.36 -4.19 -7.49
CA LYS F 65 -13.04 -4.66 -7.96
C LYS F 65 -12.63 -3.85 -9.20
N GLY F 66 -11.42 -3.28 -9.17
CA GLY F 66 -11.00 -2.40 -10.26
C GLY F 66 -11.41 -0.94 -10.06
N LYS F 67 -12.44 -0.68 -9.26
CA LYS F 67 -12.88 0.71 -8.98
C LYS F 67 -12.30 1.19 -7.66
N ALA F 68 -12.37 0.35 -6.62
CA ALA F 68 -11.93 0.72 -5.25
C ALA F 68 -10.73 -0.10 -4.88
N THR F 69 -9.73 0.56 -4.28
CA THR F 69 -8.56 -0.10 -3.77
C THR F 69 -8.43 0.31 -2.29
N LEU F 70 -8.49 -0.68 -1.41
CA LEU F 70 -8.42 -0.50 0.04
C LEU F 70 -7.00 -0.82 0.53
N THR F 71 -6.43 0.08 1.31
CA THR F 71 -5.09 -0.06 1.91
C THR F 71 -5.15 0.42 3.35
N SER F 72 -4.14 0.03 4.11
CA SER F 72 -4.01 0.50 5.47
C SER F 72 -2.57 0.64 5.87
N ASP F 73 -2.34 1.51 6.85
CA ASP F 73 -1.03 1.78 7.38
C ASP F 73 -1.08 1.64 8.91
N LYS F 74 -0.39 0.62 9.43
CA LYS F 74 -0.40 0.32 10.86
C LYS F 74 0.23 1.43 11.65
N SER F 75 1.33 1.94 11.14
CA SER F 75 2.05 3.01 11.77
C SER F 75 1.16 4.20 12.17
N SER F 76 0.28 4.62 11.29
CA SER F 76 -0.54 5.80 11.50
C SER F 76 -1.98 5.47 11.85
N SER F 77 -2.29 4.16 11.98
CA SER F 77 -3.65 3.66 12.19
C SER F 77 -4.66 4.31 11.24
N THR F 78 -4.33 4.29 9.94
CA THR F 78 -5.12 4.91 8.90
C THR F 78 -5.45 3.89 7.84
N ALA F 79 -6.75 3.85 7.51
CA ALA F 79 -7.25 3.10 6.38
C ALA F 79 -7.50 4.08 5.23
N TYR F 80 -7.27 3.60 4.01
CA TYR F 80 -7.45 4.39 2.82
C TYR F 80 -8.30 3.65 1.85
N MET F 81 -9.06 4.42 1.06
CA MET F 81 -9.79 3.94 -0.11
C MET F 81 -9.53 4.85 -1.31
N GLU F 82 -8.96 4.28 -2.37
CA GLU F 82 -8.73 4.97 -3.62
C GLU F 82 -9.77 4.52 -4.61
N LEU F 83 -10.39 5.50 -5.26
CA LEU F 83 -11.35 5.29 -6.32
C LEU F 83 -10.77 5.79 -7.61
N SER F 84 -10.88 4.98 -8.64
CA SER F 84 -10.24 5.26 -9.92
C SER F 84 -11.24 5.47 -11.05
N SER F 85 -10.82 6.10 -12.17
CA SER F 85 -11.66 6.27 -13.36
C SER F 85 -13.03 6.83 -13.01
N LEU F 86 -13.03 7.92 -12.27
CA LEU F 86 -14.28 8.45 -11.71
C LEU F 86 -15.30 8.87 -12.78
N THR F 87 -16.57 8.52 -12.54
CA THR F 87 -17.70 8.99 -13.32
C THR F 87 -18.64 9.71 -12.34
N SER F 88 -19.66 10.39 -12.87
CA SER F 88 -20.71 10.99 -12.03
C SER F 88 -21.35 9.96 -11.11
N GLU F 89 -21.46 8.72 -11.58
CA GLU F 89 -22.03 7.60 -10.80
C GLU F 89 -21.29 7.34 -9.51
N ASP F 90 -20.04 7.77 -9.46
CA ASP F 90 -19.24 7.65 -8.23
C ASP F 90 -19.48 8.80 -7.22
N SER F 91 -20.19 9.84 -7.63
CA SER F 91 -20.52 10.91 -6.68
C SER F 91 -21.41 10.33 -5.58
N ALA F 92 -21.00 10.49 -4.32
CA ALA F 92 -21.67 9.85 -3.17
C ALA F 92 -20.96 10.25 -1.88
N VAL F 93 -21.56 9.93 -0.75
CA VAL F 93 -20.84 9.99 0.51
C VAL F 93 -20.27 8.61 0.73
N TYR F 94 -19.01 8.56 1.12
CA TYR F 94 -18.36 7.31 1.42
C TYR F 94 -18.00 7.25 2.93
N TYR F 95 -18.31 6.13 3.57
CA TYR F 95 -17.97 5.92 4.99
C TYR F 95 -16.95 4.84 5.15
N CYS F 96 -16.05 5.00 6.13
CA CYS F 96 -15.37 3.89 6.71
C CYS F 96 -16.15 3.47 7.97
N VAL F 97 -16.21 2.17 8.19
CA VAL F 97 -16.96 1.55 9.28
C VAL F 97 -16.11 0.47 9.94
N ARG F 98 -15.88 0.61 11.25
CA ARG F 98 -15.17 -0.40 11.98
C ARG F 98 -15.96 -1.70 11.98
N GLY F 99 -15.29 -2.80 11.66
CA GLY F 99 -15.92 -4.08 11.65
C GLY F 99 -15.60 -4.85 12.90
N GLY F 100 -15.58 -6.15 12.73
CA GLY F 100 -15.47 -7.08 13.82
C GLY F 100 -14.07 -7.44 14.23
N TYR F 101 -14.00 -7.99 15.44
CA TYR F 101 -12.80 -8.65 15.96
C TYR F 101 -12.58 -9.92 15.17
N ARG F 102 -13.68 -10.53 14.70
CA ARG F 102 -13.64 -11.50 13.61
C ARG F 102 -14.29 -10.84 12.39
N PRO F 103 -13.72 -11.02 11.19
CA PRO F 103 -14.17 -10.27 10.00
C PRO F 103 -15.67 -10.38 9.64
N TYR F 104 -16.30 -11.52 9.98
CA TYR F 104 -17.71 -11.80 9.68
C TYR F 104 -18.74 -11.25 10.72
N TYR F 105 -18.26 -10.71 11.83
CA TYR F 105 -19.11 -9.98 12.75
C TYR F 105 -19.69 -8.68 12.17
N ALA F 106 -20.74 -8.15 12.79
CA ALA F 106 -21.39 -6.90 12.38
C ALA F 106 -20.48 -5.69 12.46
N MET F 107 -20.56 -4.80 11.48
CA MET F 107 -19.87 -3.52 11.59
C MET F 107 -20.56 -2.63 12.64
N ASP F 108 -19.77 -1.92 13.43
CA ASP F 108 -20.34 -1.12 14.52
C ASP F 108 -20.22 0.41 14.35
N TYR F 109 -19.00 0.94 14.37
CA TYR F 109 -18.78 2.37 14.46
C TYR F 109 -18.49 2.96 13.09
N TRP F 110 -19.30 3.97 12.71
CA TRP F 110 -19.25 4.57 11.41
C TRP F 110 -18.52 5.92 11.49
N GLY F 111 -17.70 6.25 10.49
CA GLY F 111 -17.05 7.57 10.41
C GLY F 111 -18.06 8.62 10.00
N GLN F 112 -17.65 9.90 9.96
CA GLN F 112 -18.55 11.00 9.51
C GLN F 112 -18.93 10.97 8.02
N GLY F 113 -18.15 10.28 7.20
CA GLY F 113 -18.42 10.18 5.78
C GLY F 113 -17.54 11.17 5.04
N THR F 114 -17.18 10.83 3.82
CA THR F 114 -16.46 11.71 2.90
C THR F 114 -17.31 11.89 1.66
N SER F 115 -17.67 13.13 1.38
CA SER F 115 -18.43 13.42 0.20
C SER F 115 -17.51 13.60 -1.04
N VAL F 116 -17.85 12.87 -2.10
CA VAL F 116 -17.15 12.95 -3.37
C VAL F 116 -18.11 13.44 -4.43
N THR F 117 -17.70 14.48 -5.17
CA THR F 117 -18.44 15.03 -6.31
C THR F 117 -17.57 14.94 -7.54
N VAL F 118 -18.06 14.24 -8.54
CA VAL F 118 -17.35 14.05 -9.79
C VAL F 118 -17.98 14.96 -10.84
N SER F 119 -17.23 15.98 -11.29
CA SER F 119 -17.76 16.93 -12.23
C SER F 119 -16.67 17.63 -12.95
N SER F 120 -16.94 18.01 -14.18
CA SER F 120 -16.02 18.80 -14.92
C SER F 120 -16.38 20.29 -14.81
N ALA F 121 -17.36 20.63 -14.00
CA ALA F 121 -17.84 22.02 -13.89
C ALA F 121 -16.77 22.90 -13.28
N LYS F 122 -16.74 24.16 -13.66
CA LYS F 122 -15.84 25.14 -13.06
C LYS F 122 -16.59 25.98 -12.06
N THR F 123 -15.88 26.58 -11.14
CA THR F 123 -16.52 27.41 -10.13
C THR F 123 -17.33 28.49 -10.88
N THR F 124 -18.63 28.54 -10.55
CA THR F 124 -19.58 29.44 -11.18
C THR F 124 -20.53 30.01 -10.14
N PRO F 125 -20.64 31.34 -10.10
CA PRO F 125 -21.51 31.96 -9.15
C PRO F 125 -22.96 31.81 -9.63
N PRO F 126 -23.93 31.83 -8.70
CA PRO F 126 -25.35 31.79 -9.06
C PRO F 126 -25.88 33.03 -9.76
N SER F 127 -26.84 32.82 -10.65
CA SER F 127 -27.79 33.85 -11.02
C SER F 127 -29.01 33.81 -10.09
N VAL F 128 -29.41 34.95 -9.55
CA VAL F 128 -30.54 34.97 -8.60
C VAL F 128 -31.68 35.82 -9.14
N TYR F 129 -32.86 35.21 -9.19
CA TYR F 129 -34.00 35.79 -9.83
C TYR F 129 -35.13 35.93 -8.82
N PRO F 130 -35.81 37.09 -8.81
CA PRO F 130 -36.88 37.27 -7.83
C PRO F 130 -38.15 36.56 -8.28
N LEU F 131 -38.89 36.05 -7.32
CA LEU F 131 -40.16 35.39 -7.60
C LEU F 131 -41.23 36.19 -6.89
N ALA F 132 -41.96 37.01 -7.67
CA ALA F 132 -42.97 37.91 -7.17
C ALA F 132 -44.31 37.47 -7.73
N PRO F 133 -45.40 37.64 -6.95
CA PRO F 133 -46.71 37.15 -7.37
C PRO F 133 -47.13 37.71 -8.73
N GLY F 134 -47.81 36.90 -9.55
CA GLY F 134 -48.36 37.34 -10.84
C GLY F 134 -49.71 38.05 -10.76
N SER F 141 -54.63 36.98 5.29
CA SER F 141 -54.11 36.61 3.99
C SER F 141 -52.59 36.69 3.97
N MET F 142 -51.96 35.58 3.62
CA MET F 142 -50.52 35.48 3.63
C MET F 142 -50.02 35.55 2.19
N VAL F 143 -48.86 36.19 1.99
CA VAL F 143 -48.29 36.34 0.66
C VAL F 143 -47.03 35.48 0.59
N THR F 144 -46.90 34.65 -0.45
CA THR F 144 -45.67 33.86 -0.69
C THR F 144 -44.80 34.51 -1.79
N LEU F 145 -43.52 34.69 -1.46
CA LEU F 145 -42.49 35.17 -2.38
C LEU F 145 -41.38 34.11 -2.46
N GLY F 146 -40.45 34.31 -3.36
CA GLY F 146 -39.31 33.40 -3.42
C GLY F 146 -38.14 34.00 -4.18
N CYS F 147 -37.05 33.24 -4.22
CA CYS F 147 -36.03 33.58 -5.19
C CYS F 147 -35.44 32.27 -5.75
N LEU F 148 -35.09 32.34 -7.03
CA LEU F 148 -34.60 31.23 -7.78
C LEU F 148 -33.10 31.43 -7.91
N VAL F 149 -32.35 30.43 -7.46
CA VAL F 149 -30.90 30.47 -7.42
C VAL F 149 -30.41 29.43 -8.43
N LYS F 150 -29.96 29.91 -9.60
CA LYS F 150 -29.74 29.05 -10.73
C LYS F 150 -28.30 29.12 -11.24
N GLY F 151 -27.76 27.95 -11.62
CA GLY F 151 -26.56 27.95 -12.42
C GLY F 151 -25.25 28.09 -11.66
N TYR F 152 -25.19 27.58 -10.43
CA TYR F 152 -23.96 27.70 -9.64
C TYR F 152 -23.23 26.34 -9.50
N PHE F 153 -21.92 26.45 -9.26
CA PHE F 153 -21.08 25.33 -8.88
C PHE F 153 -19.88 25.85 -8.07
N PRO F 154 -19.51 25.13 -7.01
CA PRO F 154 -20.06 23.90 -6.46
C PRO F 154 -21.08 24.24 -5.39
N GLU F 155 -21.69 23.24 -4.77
CA GLU F 155 -22.44 23.49 -3.55
C GLU F 155 -21.45 23.88 -2.41
N PRO F 156 -21.96 24.57 -1.38
CA PRO F 156 -23.30 25.05 -1.25
C PRO F 156 -23.46 26.55 -1.48
N VAL F 157 -24.71 26.95 -1.46
CA VAL F 157 -25.06 28.36 -1.30
C VAL F 157 -25.81 28.42 0.01
N THR F 158 -25.84 29.59 0.62
CA THR F 158 -26.68 29.80 1.82
C THR F 158 -27.68 30.92 1.46
N VAL F 159 -28.96 30.70 1.78
CA VAL F 159 -29.99 31.70 1.49
C VAL F 159 -30.56 32.20 2.82
N THR F 160 -30.58 33.52 3.01
CA THR F 160 -31.33 34.12 4.10
C THR F 160 -32.32 35.14 3.51
N TRP F 161 -33.21 35.64 4.35
CA TRP F 161 -34.13 36.65 3.91
C TRP F 161 -34.06 37.77 4.89
N ASN F 162 -34.01 38.99 4.36
CA ASN F 162 -33.79 40.19 5.17
C ASN F 162 -32.65 39.96 6.15
N SER F 163 -31.52 39.49 5.61
CA SER F 163 -30.30 39.29 6.39
C SER F 163 -30.52 38.40 7.63
N GLY F 164 -31.48 37.48 7.55
CA GLY F 164 -31.82 36.60 8.66
C GLY F 164 -32.97 37.05 9.55
N SER F 165 -33.45 38.29 9.38
CA SER F 165 -34.57 38.82 10.14
C SER F 165 -35.87 38.10 9.86
N LEU F 166 -35.96 37.49 8.69
CA LEU F 166 -37.12 36.72 8.30
C LEU F 166 -36.74 35.25 8.28
N SER F 167 -37.27 34.47 9.22
CA SER F 167 -36.91 33.03 9.34
C SER F 167 -38.11 32.07 9.37
N SER F 168 -39.21 32.50 9.98
CA SER F 168 -40.43 31.73 9.92
C SER F 168 -41.03 31.83 8.52
N GLY F 169 -41.71 30.76 8.13
CA GLY F 169 -42.39 30.69 6.82
C GLY F 169 -41.44 30.57 5.64
N VAL F 170 -40.20 30.15 5.90
CA VAL F 170 -39.22 30.00 4.85
C VAL F 170 -39.05 28.51 4.52
N HIS F 171 -39.00 28.19 3.23
CA HIS F 171 -38.65 26.85 2.79
C HIS F 171 -37.53 26.98 1.77
N THR F 172 -36.31 26.56 2.10
CA THR F 172 -35.22 26.54 1.16
C THR F 172 -34.97 25.10 0.74
N PHE F 173 -35.01 24.85 -0.56
CA PHE F 173 -35.12 23.48 -1.04
C PHE F 173 -33.76 22.88 -1.40
N PRO F 174 -33.63 21.55 -1.32
CA PRO F 174 -32.41 20.93 -1.79
C PRO F 174 -32.10 21.34 -3.23
N ALA F 175 -30.81 21.60 -3.50
CA ALA F 175 -30.33 21.84 -4.85
C ALA F 175 -30.45 20.58 -5.72
N VAL F 176 -30.70 20.80 -7.00
CA VAL F 176 -30.64 19.74 -7.99
C VAL F 176 -29.75 20.19 -9.15
N LEU F 177 -29.21 19.22 -9.89
CA LEU F 177 -28.35 19.48 -11.05
C LEU F 177 -29.13 19.72 -12.34
N GLN F 178 -28.75 20.79 -13.03
CA GLN F 178 -29.22 21.10 -14.36
C GLN F 178 -27.96 21.16 -15.20
N SER F 179 -27.78 20.24 -16.14
CA SER F 179 -26.53 20.11 -16.89
C SER F 179 -25.30 20.52 -16.08
N ASP F 180 -25.03 19.81 -15.01
CA ASP F 180 -23.81 20.02 -14.24
C ASP F 180 -23.64 21.37 -13.56
N LEU F 181 -24.71 22.16 -13.46
CA LEU F 181 -24.71 23.27 -12.52
C LEU F 181 -25.91 23.07 -11.61
N TYR F 182 -25.91 23.72 -10.44
CA TYR F 182 -26.92 23.49 -9.44
C TYR F 182 -27.99 24.55 -9.52
N THR F 183 -29.19 24.20 -9.09
CA THR F 183 -30.26 25.17 -8.94
C THR F 183 -31.03 24.86 -7.69
N LEU F 184 -31.48 25.90 -7.04
CA LEU F 184 -32.28 25.79 -5.85
C LEU F 184 -33.25 26.94 -5.86
N SER F 185 -34.38 26.78 -5.14
CA SER F 185 -35.27 27.91 -4.81
C SER F 185 -35.53 28.00 -3.29
N SER F 186 -35.92 29.19 -2.85
CA SER F 186 -36.32 29.40 -1.48
C SER F 186 -37.62 30.19 -1.52
N SER F 187 -38.59 29.80 -0.69
CA SER F 187 -39.85 30.53 -0.58
C SER F 187 -39.94 31.13 0.81
N VAL F 188 -40.57 32.30 0.89
CA VAL F 188 -40.87 32.91 2.20
C VAL F 188 -42.33 33.38 2.14
N THR F 189 -43.06 33.14 3.21
CA THR F 189 -44.46 33.49 3.28
C THR F 189 -44.62 34.48 4.41
N VAL F 190 -45.18 35.65 4.10
CA VAL F 190 -45.31 36.75 5.08
C VAL F 190 -46.70 37.39 5.01
N PRO F 191 -47.12 38.08 6.09
CA PRO F 191 -48.39 38.82 6.04
C PRO F 191 -48.44 39.89 4.93
N SER F 192 -49.61 40.00 4.29
CA SER F 192 -49.83 40.96 3.22
C SER F 192 -49.55 42.40 3.70
N SER F 193 -49.80 42.67 4.97
CA SER F 193 -49.49 43.99 5.56
C SER F 193 -48.01 44.38 5.50
N THR F 194 -47.11 43.41 5.29
CA THR F 194 -45.67 43.65 5.41
C THR F 194 -44.95 43.84 4.06
N TRP F 195 -45.58 43.41 2.97
CA TRP F 195 -45.02 43.55 1.62
C TRP F 195 -46.16 43.79 0.63
N PRO F 196 -45.95 44.65 -0.40
CA PRO F 196 -44.74 45.39 -0.77
C PRO F 196 -44.45 46.61 0.08
N SER F 197 -45.38 46.93 0.99
CA SER F 197 -45.24 48.05 1.92
C SER F 197 -43.81 48.12 2.43
N GLU F 198 -43.33 47.01 2.99
CA GLU F 198 -41.95 46.89 3.43
C GLU F 198 -41.22 45.84 2.59
N THR F 199 -39.91 45.97 2.58
CA THR F 199 -39.08 45.28 1.63
C THR F 199 -38.80 43.82 2.04
N VAL F 200 -38.58 42.99 1.02
CA VAL F 200 -38.19 41.62 1.27
C VAL F 200 -37.09 41.38 0.26
N THR F 201 -35.98 40.88 0.77
CA THR F 201 -34.75 40.76 -0.01
C THR F 201 -34.21 39.37 0.30
N CYS F 202 -33.85 38.60 -0.73
CA CYS F 202 -33.15 37.34 -0.46
C CYS F 202 -31.66 37.56 -0.63
N ASN F 203 -30.90 37.00 0.31
CA ASN F 203 -29.46 37.16 0.37
C ASN F 203 -28.87 35.79 0.12
N VAL F 204 -28.08 35.68 -0.94
CA VAL F 204 -27.55 34.41 -1.32
C VAL F 204 -26.04 34.54 -1.20
N ALA F 205 -25.41 33.66 -0.42
CA ALA F 205 -23.95 33.59 -0.40
C ALA F 205 -23.48 32.33 -1.11
N HIS F 206 -22.45 32.46 -1.92
CA HIS F 206 -21.78 31.32 -2.56
C HIS F 206 -20.30 31.41 -2.20
N PRO F 207 -19.91 30.85 -1.03
CA PRO F 207 -18.56 31.05 -0.52
C PRO F 207 -17.49 30.62 -1.54
N ALA F 208 -17.78 29.59 -2.32
CA ALA F 208 -16.78 29.03 -3.22
C ALA F 208 -16.27 30.02 -4.24
N SER F 209 -17.12 30.98 -4.62
CA SER F 209 -16.79 32.01 -5.60
C SER F 209 -16.67 33.37 -4.93
N SER F 210 -16.61 33.37 -3.59
CA SER F 210 -16.60 34.59 -2.77
C SER F 210 -17.65 35.63 -3.23
N THR F 211 -18.84 35.15 -3.52
CA THR F 211 -19.91 35.98 -4.06
C THR F 211 -21.06 36.10 -3.08
N LYS F 212 -21.62 37.31 -3.01
CA LYS F 212 -22.86 37.57 -2.29
C LYS F 212 -23.83 38.23 -3.29
N VAL F 213 -25.05 37.74 -3.29
CA VAL F 213 -26.12 38.33 -4.11
C VAL F 213 -27.26 38.80 -3.21
N ASP F 214 -27.65 40.07 -3.33
CA ASP F 214 -28.80 40.59 -2.62
C ASP F 214 -29.88 41.00 -3.61
N LYS F 215 -30.99 40.27 -3.62
CA LYS F 215 -32.07 40.53 -4.58
C LYS F 215 -33.37 40.94 -3.89
N LYS F 216 -33.74 42.22 -4.06
CA LYS F 216 -35.02 42.73 -3.61
C LYS F 216 -36.17 42.21 -4.44
N ILE F 217 -37.20 41.72 -3.77
CA ILE F 217 -38.41 41.28 -4.43
C ILE F 217 -39.33 42.49 -4.59
N VAL F 218 -39.57 42.91 -5.84
CA VAL F 218 -40.45 44.03 -6.14
C VAL F 218 -41.74 43.56 -6.84
N PRO F 219 -42.84 44.29 -6.66
CA PRO F 219 -44.06 43.88 -7.34
C PRO F 219 -43.91 44.01 -8.85
N ARG F 220 -44.67 43.19 -9.58
CA ARG F 220 -44.60 43.22 -11.03
C ARG F 220 -45.49 44.35 -11.53
#